data_3KHY
#
_entry.id   3KHY
#
_cell.length_a   67.079
_cell.length_b   87.127
_cell.length_c   149.661
_cell.angle_alpha   90.00
_cell.angle_beta   90.00
_cell.angle_gamma   90.00
#
_symmetry.space_group_name_H-M   'P 21 21 21'
#
loop_
_entity.id
_entity.type
_entity.pdbx_description
1 polymer 'Propionate kinase'
2 water water
#
_entity_poly.entity_id   1
_entity_poly.type   'polypeptide(L)'
_entity_poly.pdbx_seq_one_letter_code
;(MSE)SEILVLNCGSSSVKFALINPHTSQSLVTGLAENIATKNCKVVFKAEHKIVKYLENGSYKDVFE(MSE)LKDFLVE
NKHLEKIVAIGHRVVHGGQYFSKSVLINADSLEKIKACIALAPLHNPAHIEGIRFCQQIFPELPQVAVFDTAFHQT
(MSE)PSYIAEYAIPYELTHKHNIRKYGAHGTSHKYVSEQAAKILTQQKANVIVAHLGNGCSITAVVDGKSIDTS(MSE)
GLTPLDGLV(MSE)GTRSGCIDPSIFAYISDNLGWSVTEITN(MSE)LNKQSGLLGICGHND(MSE)REVSQLAAKGDSL
AKLAIEIFSHRVAKFVASY(MSE)IYFNKLDALVFTGGIGENAANIRKNIISKLANLGF(MSE)IDHQKNSNSETFINSK
NSHNI(MSE)VIATNEEL(MSE)IAQETQNLI
;
_entity_poly.pdbx_strand_id   A,B
#
# COMPACT_ATOMS: atom_id res chain seq x y z
N MSE A 1 -12.92 -33.58 28.99
CA MSE A 1 -11.89 -34.60 28.83
C MSE A 1 -11.59 -34.93 27.37
O MSE A 1 -10.57 -35.56 27.07
CB MSE A 1 -12.28 -35.87 29.59
CG MSE A 1 -11.78 -35.90 31.03
SE MSE A 1 -9.84 -36.15 31.16
CE MSE A 1 -9.78 -38.10 31.16
N SER A 2 -12.48 -34.51 26.48
CA SER A 2 -12.31 -34.77 25.05
C SER A 2 -11.17 -33.94 24.46
N GLU A 3 -10.65 -34.40 23.33
CA GLU A 3 -9.52 -33.76 22.69
C GLU A 3 -9.74 -33.55 21.19
N ILE A 4 -9.13 -32.50 20.66
CA ILE A 4 -9.21 -32.20 19.23
C ILE A 4 -7.80 -32.30 18.65
N LEU A 5 -7.68 -32.95 17.51
CA LEU A 5 -6.41 -33.03 16.81
C LEU A 5 -6.37 -31.88 15.82
N VAL A 6 -5.37 -31.01 15.95
CA VAL A 6 -5.27 -29.82 15.11
C VAL A 6 -4.13 -29.97 14.11
N LEU A 7 -4.42 -29.78 12.83
CA LEU A 7 -3.42 -30.03 11.80
C LEU A 7 -3.19 -28.85 10.88
N ASN A 8 -1.95 -28.68 10.47
CA ASN A 8 -1.64 -27.85 9.31
C ASN A 8 -0.86 -28.74 8.35
N CYS A 9 -1.53 -29.23 7.32
CA CYS A 9 -0.89 -30.16 6.38
C CYS A 9 -0.32 -29.39 5.20
N GLY A 10 1.01 -29.35 5.12
CA GLY A 10 1.69 -28.69 4.02
C GLY A 10 2.15 -29.71 2.98
N SER A 11 2.80 -29.22 1.93
CA SER A 11 3.26 -30.08 0.84
C SER A 11 4.29 -31.12 1.27
N SER A 12 5.19 -30.74 2.18
CA SER A 12 6.21 -31.68 2.66
C SER A 12 6.26 -31.76 4.19
N SER A 13 5.20 -31.31 4.87
CA SER A 13 5.19 -31.23 6.32
C SER A 13 3.79 -31.32 6.91
N VAL A 14 3.72 -31.81 8.14
CA VAL A 14 2.48 -31.81 8.90
C VAL A 14 2.75 -31.27 10.29
N LYS A 15 2.16 -30.12 10.61
CA LYS A 15 2.25 -29.59 11.96
C LYS A 15 1.03 -30.07 12.71
N PHE A 16 1.21 -30.57 13.93
CA PHE A 16 0.06 -31.09 14.67
C PHE A 16 0.04 -30.74 16.15
N ALA A 17 -1.16 -30.75 16.73
CA ALA A 17 -1.31 -30.53 18.16
C ALA A 17 -2.55 -31.24 18.66
N LEU A 18 -2.47 -31.74 19.88
CA LEU A 18 -3.59 -32.37 20.55
C LEU A 18 -4.05 -31.45 21.66
N ILE A 19 -5.27 -30.94 21.55
CA ILE A 19 -5.71 -29.87 22.44
C ILE A 19 -7.02 -30.23 23.13
N ASN A 20 -7.12 -29.91 24.41
CA ASN A 20 -8.37 -30.03 25.14
C ASN A 20 -9.05 -28.69 25.15
N PRO A 21 -10.15 -28.56 24.39
CA PRO A 21 -10.83 -27.27 24.17
C PRO A 21 -11.43 -26.72 25.46
N HIS A 22 -11.73 -27.58 26.42
N HIS A 22 -11.75 -27.59 26.41
CA HIS A 22 -12.39 -27.17 27.64
CA HIS A 22 -12.40 -27.17 27.64
C HIS A 22 -11.41 -26.64 28.69
C HIS A 22 -11.41 -26.61 28.66
N THR A 23 -10.23 -27.22 28.74
CA THR A 23 -9.20 -26.77 29.67
C THR A 23 -8.22 -25.84 28.98
N SER A 24 -8.28 -25.81 27.65
CA SER A 24 -7.40 -24.97 26.84
C SER A 24 -5.97 -25.49 26.79
N GLN A 25 -5.77 -26.71 27.27
CA GLN A 25 -4.40 -27.24 27.38
C GLN A 25 -3.96 -27.99 26.13
N SER A 26 -2.74 -27.66 25.70
CA SER A 26 -2.09 -28.38 24.63
C SER A 26 -1.34 -29.56 25.26
N LEU A 27 -1.77 -30.77 24.91
CA LEU A 27 -1.19 -31.97 25.50
C LEU A 27 0.06 -32.44 24.77
N VAL A 28 0.00 -32.39 23.45
CA VAL A 28 1.14 -32.79 22.62
C VAL A 28 1.18 -31.85 21.45
N THR A 29 2.38 -31.48 21.00
CA THR A 29 2.49 -30.78 19.74
C THR A 29 3.58 -31.48 18.97
N GLY A 30 3.65 -31.23 17.67
CA GLY A 30 4.64 -31.90 16.87
C GLY A 30 4.74 -31.37 15.46
N LEU A 31 5.71 -31.90 14.73
CA LEU A 31 5.92 -31.48 13.36
C LEU A 31 6.64 -32.56 12.59
N ALA A 32 6.02 -33.01 11.51
CA ALA A 32 6.68 -33.88 10.54
C ALA A 32 7.27 -32.99 9.44
N GLU A 33 8.51 -33.26 9.06
CA GLU A 33 9.27 -32.40 8.15
C GLU A 33 9.98 -33.23 7.08
N ASN A 34 10.20 -32.62 5.91
CA ASN A 34 10.94 -33.27 4.82
C ASN A 34 10.29 -34.58 4.37
N ILE A 35 8.97 -34.62 4.36
CA ILE A 35 8.24 -35.84 4.01
C ILE A 35 8.63 -36.36 2.62
N ALA A 36 8.76 -37.69 2.51
CA ALA A 36 9.11 -38.34 1.26
C ALA A 36 10.53 -38.03 0.78
N THR A 37 11.39 -37.60 1.71
CA THR A 37 12.81 -37.41 1.43
C THR A 37 13.65 -38.22 2.42
N LYS A 38 14.96 -38.29 2.17
CA LYS A 38 15.85 -39.06 3.04
C LYS A 38 15.80 -38.54 4.47
N ASN A 39 15.54 -37.24 4.61
CA ASN A 39 15.61 -36.58 5.90
C ASN A 39 14.25 -36.44 6.58
N CYS A 40 13.29 -37.25 6.14
CA CYS A 40 11.98 -37.26 6.75
C CYS A 40 12.10 -37.56 8.25
N LYS A 41 11.43 -36.76 9.07
CA LYS A 41 11.41 -36.98 10.50
C LYS A 41 10.16 -36.39 11.16
N VAL A 42 9.76 -36.97 12.28
CA VAL A 42 8.63 -36.42 13.03
C VAL A 42 9.09 -36.08 14.43
N VAL A 43 8.87 -34.83 14.83
CA VAL A 43 9.14 -34.42 16.21
C VAL A 43 7.86 -34.48 17.03
N PHE A 44 7.95 -35.06 18.21
CA PHE A 44 6.83 -35.11 19.14
C PHE A 44 7.27 -34.42 20.42
N LYS A 45 6.45 -33.49 20.88
CA LYS A 45 6.73 -32.80 22.14
C LYS A 45 5.57 -32.97 23.10
N ALA A 46 5.74 -33.85 24.08
CA ALA A 46 4.77 -33.96 25.16
C ALA A 46 5.45 -33.50 26.43
N GLU A 47 5.68 -34.42 27.36
CA GLU A 47 6.47 -34.11 28.54
C GLU A 47 7.90 -33.81 28.14
N HIS A 48 8.44 -34.59 27.21
CA HIS A 48 9.76 -34.33 26.64
C HIS A 48 9.72 -34.38 25.12
N LYS A 49 10.80 -33.92 24.50
CA LYS A 49 10.91 -33.95 23.05
C LYS A 49 11.43 -35.31 22.58
N ILE A 50 10.78 -35.87 21.57
CA ILE A 50 11.21 -37.11 20.95
C ILE A 50 11.28 -36.89 19.44
N VAL A 51 12.40 -37.26 18.82
CA VAL A 51 12.54 -37.11 17.38
C VAL A 51 12.63 -38.47 16.71
N LYS A 52 11.71 -38.76 15.80
CA LYS A 52 11.68 -40.05 15.15
C LYS A 52 12.00 -39.89 13.68
N TYR A 53 13.12 -40.48 13.26
CA TYR A 53 13.51 -40.39 11.86
C TYR A 53 12.85 -41.51 11.08
N LEU A 54 12.52 -41.21 9.82
CA LEU A 54 11.86 -42.17 8.96
C LEU A 54 12.30 -41.92 7.52
N GLU A 55 13.52 -42.34 7.19
CA GLU A 55 14.09 -42.12 5.87
C GLU A 55 13.11 -42.46 4.76
N ASN A 56 12.80 -41.44 3.94
CA ASN A 56 11.91 -41.60 2.79
C ASN A 56 10.50 -42.03 3.15
N GLY A 57 10.07 -41.77 4.37
CA GLY A 57 8.72 -42.06 4.78
C GLY A 57 7.71 -41.32 3.92
N SER A 58 6.64 -41.99 3.52
CA SER A 58 5.61 -41.34 2.73
C SER A 58 4.76 -40.45 3.63
N TYR A 59 3.99 -39.56 2.99
CA TYR A 59 3.04 -38.75 3.72
C TYR A 59 2.09 -39.69 4.46
N LYS A 60 1.76 -40.81 3.83
CA LYS A 60 0.93 -41.83 4.48
C LYS A 60 1.66 -42.46 5.68
N ASP A 61 2.96 -42.72 5.52
CA ASP A 61 3.78 -43.24 6.62
C ASP A 61 3.77 -42.27 7.82
N VAL A 62 3.86 -40.98 7.52
CA VAL A 62 3.81 -39.97 8.56
C VAL A 62 2.51 -40.10 9.35
N PHE A 63 1.39 -40.17 8.63
CA PHE A 63 0.10 -40.28 9.29
C PHE A 63 -0.07 -41.54 10.14
N GLU A 64 0.46 -42.66 9.65
CA GLU A 64 0.37 -43.90 10.41
C GLU A 64 1.23 -43.80 11.65
N MSE A 65 2.36 -43.12 11.54
CA MSE A 65 3.22 -42.91 12.70
C MSE A 65 2.52 -42.01 13.71
O MSE A 65 2.59 -42.24 14.92
CB MSE A 65 4.56 -42.31 12.29
CG MSE A 65 5.43 -41.89 13.46
SE MSE A 65 7.24 -41.40 12.94
CE MSE A 65 8.05 -43.19 12.83
N LEU A 66 1.82 -40.99 13.21
CA LEU A 66 1.06 -40.11 14.09
C LEU A 66 -0.02 -40.91 14.76
N LYS A 67 -0.73 -41.73 13.99
CA LYS A 67 -1.77 -42.58 14.56
C LYS A 67 -1.18 -43.51 15.60
N ASP A 68 -0.05 -44.14 15.28
CA ASP A 68 0.60 -45.07 16.20
C ASP A 68 0.88 -44.39 17.53
N PHE A 69 1.42 -43.17 17.46
CA PHE A 69 1.78 -42.43 18.67
C PHE A 69 0.55 -42.15 19.53
N LEU A 70 -0.55 -41.79 18.87
CA LEU A 70 -1.80 -41.48 19.56
C LEU A 70 -2.44 -42.73 20.15
N VAL A 71 -2.23 -43.87 19.51
CA VAL A 71 -2.70 -45.14 20.06
C VAL A 71 -1.84 -45.56 21.24
N GLU A 72 -0.53 -45.67 21.00
CA GLU A 72 0.43 -46.05 22.03
C GLU A 72 0.28 -45.23 23.31
N ASN A 73 0.05 -43.93 23.15
CA ASN A 73 -0.04 -43.06 24.31
C ASN A 73 -1.48 -42.76 24.74
N LYS A 74 -2.39 -43.57 24.22
CA LYS A 74 -3.79 -43.59 24.65
C LYS A 74 -4.53 -42.26 24.47
N HIS A 75 -4.18 -41.55 23.41
CA HIS A 75 -4.84 -40.29 23.06
C HIS A 75 -6.02 -40.54 22.15
N LEU A 76 -5.86 -41.51 21.24
CA LEU A 76 -6.81 -41.68 20.15
C LEU A 76 -8.24 -41.78 20.65
N GLU A 77 -8.46 -42.58 21.69
CA GLU A 77 -9.79 -42.79 22.26
C GLU A 77 -10.45 -41.50 22.73
N LYS A 78 -9.63 -40.50 23.04
CA LYS A 78 -10.15 -39.25 23.59
C LYS A 78 -10.45 -38.21 22.52
N ILE A 79 -10.02 -38.47 21.29
CA ILE A 79 -10.17 -37.49 20.22
C ILE A 79 -11.58 -37.51 19.66
N VAL A 80 -12.21 -36.34 19.59
CA VAL A 80 -13.59 -36.24 19.14
C VAL A 80 -13.72 -35.62 17.75
N ALA A 81 -12.69 -34.92 17.30
CA ALA A 81 -12.72 -34.33 15.96
C ALA A 81 -11.33 -33.88 15.50
N ILE A 82 -11.23 -33.56 14.22
CA ILE A 82 -10.00 -33.05 13.62
C ILE A 82 -10.22 -31.66 13.01
N GLY A 83 -9.40 -30.70 13.40
CA GLY A 83 -9.48 -29.37 12.84
C GLY A 83 -8.30 -29.08 11.92
N HIS A 84 -8.60 -28.63 10.71
CA HIS A 84 -7.58 -28.36 9.70
C HIS A 84 -7.45 -26.87 9.45
N ARG A 85 -6.22 -26.38 9.52
CA ARG A 85 -5.94 -25.04 9.03
C ARG A 85 -6.06 -25.06 7.52
N VAL A 86 -6.74 -24.06 6.96
CA VAL A 86 -6.75 -23.85 5.53
C VAL A 86 -6.39 -22.38 5.29
N VAL A 87 -5.34 -22.16 4.51
CA VAL A 87 -4.82 -20.80 4.35
C VAL A 87 -5.74 -19.86 3.58
N HIS A 88 -6.49 -20.36 2.60
CA HIS A 88 -7.31 -19.46 1.79
C HIS A 88 -8.69 -20.01 1.44
N GLY A 89 -9.74 -19.33 1.91
CA GLY A 89 -11.11 -19.71 1.63
C GLY A 89 -11.89 -18.76 0.73
N GLY A 90 -11.17 -17.84 0.08
CA GLY A 90 -11.79 -16.91 -0.87
C GLY A 90 -12.99 -16.21 -0.27
N GLN A 91 -14.00 -15.96 -1.10
CA GLN A 91 -15.23 -15.35 -0.62
C GLN A 91 -16.27 -16.39 -0.21
N TYR A 92 -15.91 -17.67 -0.35
CA TYR A 92 -16.81 -18.77 0.01
C TYR A 92 -17.01 -18.91 1.51
N PHE A 93 -15.96 -18.66 2.30
CA PHE A 93 -16.02 -18.99 3.72
C PHE A 93 -15.78 -17.80 4.62
N SER A 94 -16.80 -17.46 5.40
CA SER A 94 -16.71 -16.37 6.37
C SER A 94 -16.69 -16.93 7.79
N LYS A 95 -16.66 -18.26 7.89
CA LYS A 95 -16.58 -18.93 9.19
C LYS A 95 -16.12 -20.35 8.97
N SER A 96 -15.81 -21.05 10.07
CA SER A 96 -15.36 -22.43 9.98
C SER A 96 -16.52 -23.32 9.56
N VAL A 97 -16.22 -24.47 8.96
CA VAL A 97 -17.26 -25.35 8.44
C VAL A 97 -16.88 -26.82 8.57
N LEU A 98 -17.88 -27.65 8.82
CA LEU A 98 -17.68 -29.09 8.79
C LEU A 98 -17.26 -29.51 7.40
N ILE A 99 -16.34 -30.47 7.32
CA ILE A 99 -15.88 -30.99 6.05
C ILE A 99 -16.89 -31.96 5.47
N ASN A 100 -17.39 -31.67 4.28
CA ASN A 100 -18.21 -32.62 3.53
C ASN A 100 -17.98 -32.39 2.04
N ALA A 101 -18.63 -33.18 1.20
CA ALA A 101 -18.46 -33.05 -0.23
C ALA A 101 -18.68 -31.60 -0.70
N ASP A 102 -19.69 -30.95 -0.14
CA ASP A 102 -19.98 -29.57 -0.53
C ASP A 102 -18.83 -28.63 -0.16
N SER A 103 -18.45 -28.57 1.11
CA SER A 103 -17.40 -27.64 1.51
C SER A 103 -16.08 -27.98 0.80
N LEU A 104 -15.82 -29.26 0.61
CA LEU A 104 -14.61 -29.69 -0.11
C LEU A 104 -14.56 -29.14 -1.54
N GLU A 105 -15.71 -29.14 -2.21
CA GLU A 105 -15.77 -28.56 -3.55
C GLU A 105 -15.37 -27.09 -3.52
N LYS A 106 -15.90 -26.36 -2.54
CA LYS A 106 -15.59 -24.94 -2.39
C LYS A 106 -14.11 -24.69 -2.10
N ILE A 107 -13.56 -25.46 -1.16
CA ILE A 107 -12.13 -25.38 -0.88
C ILE A 107 -11.31 -25.61 -2.15
N LYS A 108 -11.73 -26.59 -2.94
CA LYS A 108 -11.03 -26.90 -4.18
C LYS A 108 -11.08 -25.71 -5.15
N ALA A 109 -12.17 -24.96 -5.11
CA ALA A 109 -12.32 -23.81 -6.02
C ALA A 109 -11.39 -22.66 -5.63
N CYS A 110 -10.82 -22.74 -4.42
CA CYS A 110 -9.93 -21.70 -3.91
C CYS A 110 -8.45 -22.00 -4.21
N ILE A 111 -8.20 -23.11 -4.90
CA ILE A 111 -6.84 -23.49 -5.25
C ILE A 111 -6.07 -22.36 -5.92
N ALA A 112 -6.68 -21.70 -6.90
CA ALA A 112 -6.02 -20.60 -7.60
C ALA A 112 -5.56 -19.48 -6.65
N LEU A 113 -6.28 -19.31 -5.55
CA LEU A 113 -5.92 -18.28 -4.57
C LEU A 113 -4.71 -18.68 -3.70
N ALA A 114 -4.47 -20.00 -3.57
CA ALA A 114 -3.34 -20.52 -2.80
C ALA A 114 -2.88 -21.82 -3.45
N PRO A 115 -2.28 -21.73 -4.64
CA PRO A 115 -2.01 -22.90 -5.47
C PRO A 115 -1.03 -23.90 -4.86
N LEU A 116 -0.20 -23.47 -3.91
CA LEU A 116 0.78 -24.37 -3.30
C LEU A 116 0.33 -24.95 -1.96
N HIS A 117 -0.77 -24.46 -1.41
CA HIS A 117 -1.19 -24.90 -0.08
C HIS A 117 -2.54 -25.60 -0.06
N ASN A 118 -3.52 -25.06 -0.78
CA ASN A 118 -4.86 -25.61 -0.69
C ASN A 118 -4.92 -27.07 -1.15
N PRO A 119 -4.13 -27.44 -2.16
CA PRO A 119 -4.08 -28.86 -2.53
C PRO A 119 -3.59 -29.74 -1.38
N ALA A 120 -2.51 -29.33 -0.70
CA ALA A 120 -1.99 -30.10 0.42
C ALA A 120 -2.99 -30.16 1.59
N HIS A 121 -3.71 -29.06 1.82
CA HIS A 121 -4.79 -29.06 2.81
C HIS A 121 -5.83 -30.13 2.45
N ILE A 122 -6.24 -30.17 1.18
CA ILE A 122 -7.25 -31.12 0.74
C ILE A 122 -6.75 -32.57 0.90
N GLU A 123 -5.53 -32.81 0.43
CA GLU A 123 -4.94 -34.15 0.56
C GLU A 123 -4.86 -34.62 2.00
N GLY A 124 -4.48 -33.71 2.89
CA GLY A 124 -4.41 -34.02 4.30
C GLY A 124 -5.76 -34.43 4.83
N ILE A 125 -6.79 -33.73 4.41
CA ILE A 125 -8.16 -34.04 4.79
C ILE A 125 -8.53 -35.46 4.33
N ARG A 126 -8.13 -35.81 3.11
CA ARG A 126 -8.41 -37.13 2.57
C ARG A 126 -7.68 -38.24 3.32
N PHE A 127 -6.40 -38.00 3.63
CA PHE A 127 -5.66 -38.94 4.48
C PHE A 127 -6.43 -39.17 5.78
N CYS A 128 -6.96 -38.10 6.35
CA CYS A 128 -7.69 -38.20 7.61
C CYS A 128 -9.00 -38.96 7.47
N GLN A 129 -9.65 -38.81 6.32
CA GLN A 129 -10.87 -39.56 6.06
C GLN A 129 -10.57 -41.07 6.02
N GLN A 130 -9.41 -41.43 5.50
CA GLN A 130 -9.01 -42.83 5.42
C GLN A 130 -8.60 -43.38 6.77
N ILE A 131 -7.80 -42.61 7.49
CA ILE A 131 -7.12 -43.07 8.69
C ILE A 131 -7.94 -42.87 9.97
N PHE A 132 -8.71 -41.80 10.03
CA PHE A 132 -9.58 -41.56 11.17
C PHE A 132 -11.03 -41.40 10.71
N PRO A 133 -11.59 -42.47 10.11
CA PRO A 133 -12.90 -42.44 9.44
C PRO A 133 -14.07 -42.07 10.35
N GLU A 134 -13.92 -42.30 11.65
CA GLU A 134 -15.02 -42.07 12.58
C GLU A 134 -15.16 -40.60 12.98
N LEU A 135 -14.11 -39.82 12.76
CA LEU A 135 -14.07 -38.46 13.29
C LEU A 135 -14.64 -37.40 12.34
N PRO A 136 -15.49 -36.51 12.88
CA PRO A 136 -15.92 -35.33 12.13
C PRO A 136 -14.68 -34.45 11.89
N GLN A 137 -14.69 -33.70 10.80
CA GLN A 137 -13.57 -32.82 10.48
C GLN A 137 -14.07 -31.41 10.19
N VAL A 138 -13.26 -30.42 10.58
CA VAL A 138 -13.61 -29.01 10.41
C VAL A 138 -12.46 -28.26 9.75
N ALA A 139 -12.80 -27.35 8.84
CA ALA A 139 -11.82 -26.46 8.19
C ALA A 139 -11.91 -25.06 8.78
N VAL A 140 -10.77 -24.50 9.16
CA VAL A 140 -10.69 -23.16 9.74
C VAL A 140 -9.76 -22.31 8.86
N PHE A 141 -10.30 -21.25 8.27
CA PHE A 141 -9.62 -20.50 7.21
C PHE A 141 -8.93 -19.25 7.71
N ASP A 142 -7.68 -19.04 7.30
CA ASP A 142 -6.90 -17.86 7.69
C ASP A 142 -7.53 -16.58 7.14
N THR A 143 -8.43 -16.73 6.18
CA THR A 143 -9.06 -15.58 5.51
C THR A 143 -10.46 -15.26 6.06
N ALA A 144 -11.06 -16.20 6.77
CA ALA A 144 -12.48 -16.06 7.14
C ALA A 144 -12.79 -14.82 7.99
N PHE A 145 -11.95 -14.58 9.00
CA PHE A 145 -12.15 -13.45 9.92
C PHE A 145 -12.29 -12.11 9.19
N HIS A 146 -11.58 -11.97 8.07
CA HIS A 146 -11.56 -10.68 7.37
C HIS A 146 -12.75 -10.50 6.41
N GLN A 147 -13.61 -11.50 6.34
CA GLN A 147 -14.73 -11.44 5.40
C GLN A 147 -15.80 -10.42 5.81
N THR A 148 -15.65 -9.82 6.98
CA THR A 148 -16.49 -8.67 7.32
C THR A 148 -15.99 -7.33 6.77
N MSE A 149 -14.82 -7.30 6.12
CA MSE A 149 -14.38 -6.05 5.52
C MSE A 149 -15.37 -5.60 4.44
O MSE A 149 -15.72 -6.39 3.56
CB MSE A 149 -13.00 -6.19 4.85
CG MSE A 149 -11.82 -6.37 5.75
SE MSE A 149 -10.25 -6.13 4.58
CE MSE A 149 -10.37 -7.84 3.62
N PRO A 150 -15.83 -4.35 4.48
CA PRO A 150 -16.77 -3.95 3.43
C PRO A 150 -16.07 -3.79 2.09
N SER A 151 -16.85 -3.82 1.01
CA SER A 151 -16.30 -3.78 -0.35
C SER A 151 -15.50 -2.53 -0.69
N TYR A 152 -15.92 -1.37 -0.20
CA TYR A 152 -15.15 -0.16 -0.50
C TYR A 152 -13.78 -0.18 0.17
N ILE A 153 -13.57 -1.13 1.08
CA ILE A 153 -12.28 -1.28 1.73
C ILE A 153 -11.49 -2.45 1.10
N ALA A 154 -12.19 -3.56 0.82
CA ALA A 154 -11.55 -4.78 0.34
C ALA A 154 -11.21 -4.75 -1.15
N GLU A 155 -12.04 -4.11 -1.96
CA GLU A 155 -11.81 -4.06 -3.41
C GLU A 155 -10.64 -3.15 -3.79
N TYR A 156 -9.89 -3.57 -4.80
CA TYR A 156 -8.89 -2.69 -5.41
C TYR A 156 -9.55 -1.82 -6.48
N ALA A 157 -8.86 -0.78 -6.92
CA ALA A 157 -9.35 0.09 -7.99
C ALA A 157 -8.87 -0.41 -9.35
N ILE A 158 -9.49 -1.50 -9.78
CA ILE A 158 -9.13 -2.21 -11.00
C ILE A 158 -10.41 -2.54 -11.78
N PRO A 159 -10.27 -3.09 -13.00
CA PRO A 159 -11.47 -3.40 -13.79
C PRO A 159 -12.46 -4.29 -13.04
N TYR A 160 -13.74 -3.94 -13.13
CA TYR A 160 -14.83 -4.73 -12.56
C TYR A 160 -14.66 -6.25 -12.77
N GLU A 161 -14.31 -6.65 -13.98
CA GLU A 161 -14.20 -8.08 -14.30
C GLU A 161 -13.11 -8.80 -13.53
N LEU A 162 -12.00 -8.11 -13.28
CA LEU A 162 -10.92 -8.72 -12.50
C LEU A 162 -11.34 -8.91 -11.04
N THR A 163 -12.04 -7.91 -10.51
CA THR A 163 -12.57 -7.97 -9.15
C THR A 163 -13.54 -9.14 -8.99
N HIS A 164 -14.50 -9.24 -9.91
CA HIS A 164 -15.64 -10.13 -9.73
C HIS A 164 -15.54 -11.49 -10.43
N LYS A 165 -15.24 -11.50 -11.72
CA LYS A 165 -15.07 -12.79 -12.40
C LYS A 165 -13.86 -13.53 -11.83
N HIS A 166 -12.78 -12.80 -11.57
CA HIS A 166 -11.54 -13.45 -11.18
C HIS A 166 -11.19 -13.31 -9.70
N ASN A 167 -12.09 -12.70 -8.94
CA ASN A 167 -12.01 -12.73 -7.48
C ASN A 167 -10.75 -12.06 -6.92
N ILE A 168 -10.23 -11.07 -7.65
CA ILE A 168 -9.06 -10.34 -7.19
C ILE A 168 -9.50 -9.20 -6.29
N ARG A 169 -9.12 -9.29 -5.03
CA ARG A 169 -9.46 -8.30 -4.00
C ARG A 169 -8.57 -8.60 -2.78
N LYS A 170 -8.62 -7.72 -1.79
CA LYS A 170 -7.94 -7.98 -0.54
C LYS A 170 -8.70 -9.04 0.26
N TYR A 171 -8.00 -10.10 0.67
CA TYR A 171 -8.54 -11.10 1.61
C TYR A 171 -7.88 -11.02 2.98
N GLY A 172 -6.62 -10.62 3.02
CA GLY A 172 -5.87 -10.64 4.27
C GLY A 172 -5.53 -12.06 4.70
N ALA A 173 -4.86 -12.20 5.84
CA ALA A 173 -4.59 -13.51 6.43
C ALA A 173 -4.28 -13.35 7.92
N HIS A 174 -3.63 -14.35 8.53
CA HIS A 174 -3.50 -14.39 9.98
C HIS A 174 -4.86 -14.26 10.66
N GLY A 175 -5.93 -14.56 9.94
CA GLY A 175 -7.28 -14.35 10.45
C GLY A 175 -7.56 -15.06 11.75
N THR A 176 -7.05 -16.28 11.90
CA THR A 176 -7.30 -17.05 13.11
C THR A 176 -6.58 -16.44 14.32
N SER A 177 -5.42 -15.83 14.10
CA SER A 177 -4.71 -15.18 15.19
C SER A 177 -5.39 -13.84 15.55
N HIS A 178 -5.76 -13.04 14.55
CA HIS A 178 -6.47 -11.79 14.81
C HIS A 178 -7.80 -12.02 15.54
N LYS A 179 -8.50 -13.08 15.17
CA LYS A 179 -9.75 -13.42 15.86
C LYS A 179 -9.52 -13.85 17.32
N TYR A 180 -8.62 -14.80 17.52
CA TYR A 180 -8.30 -15.26 18.87
C TYR A 180 -7.83 -14.10 19.74
N VAL A 181 -6.90 -13.28 19.23
CA VAL A 181 -6.33 -12.21 20.07
C VAL A 181 -7.37 -11.12 20.39
N SER A 182 -8.19 -10.75 19.41
CA SER A 182 -9.18 -9.74 19.66
C SER A 182 -10.23 -10.30 20.63
N GLU A 183 -10.51 -11.60 20.54
CA GLU A 183 -11.39 -12.22 21.55
C GLU A 183 -10.80 -12.15 22.96
N GLN A 184 -9.49 -12.36 23.08
CA GLN A 184 -8.84 -12.30 24.39
C GLN A 184 -8.83 -10.87 24.91
N ALA A 185 -8.61 -9.91 24.01
CA ALA A 185 -8.59 -8.50 24.39
C ALA A 185 -9.96 -8.11 24.94
N ALA A 186 -11.01 -8.66 24.35
CA ALA A 186 -12.36 -8.37 24.79
C ALA A 186 -12.60 -8.86 26.22
N LYS A 187 -12.01 -9.99 26.57
CA LYS A 187 -12.15 -10.51 27.93
C LYS A 187 -11.51 -9.58 28.97
N ILE A 188 -10.50 -8.84 28.55
CA ILE A 188 -9.69 -8.06 29.47
C ILE A 188 -10.15 -6.60 29.60
N LEU A 189 -10.58 -6.02 28.48
CA LEU A 189 -10.75 -4.55 28.37
C LEU A 189 -12.05 -3.96 28.91
N THR A 190 -13.15 -4.20 28.22
CA THR A 190 -14.46 -3.70 28.64
C THR A 190 -15.52 -4.80 28.57
N GLN A 191 -16.76 -4.42 28.84
CA GLN A 191 -17.89 -5.33 28.78
C GLN A 191 -18.22 -5.77 27.34
N GLN A 192 -17.98 -4.88 26.38
CA GLN A 192 -18.33 -5.13 24.98
C GLN A 192 -17.22 -5.90 24.24
N LYS A 193 -17.45 -6.22 22.97
CA LYS A 193 -16.38 -6.79 22.14
C LYS A 193 -15.30 -5.74 21.92
N ALA A 194 -14.13 -6.17 21.48
CA ALA A 194 -12.97 -5.29 21.44
C ALA A 194 -12.99 -4.28 20.29
N ASN A 195 -12.53 -3.07 20.59
CA ASN A 195 -12.24 -2.09 19.56
C ASN A 195 -10.74 -1.89 19.59
N VAL A 196 -10.04 -2.70 18.81
CA VAL A 196 -8.60 -2.78 18.95
C VAL A 196 -7.91 -2.84 17.60
N ILE A 197 -6.65 -2.43 17.60
CA ILE A 197 -5.77 -2.65 16.47
C ILE A 197 -4.82 -3.74 16.91
N VAL A 198 -4.75 -4.83 16.14
CA VAL A 198 -3.91 -5.96 16.49
C VAL A 198 -2.75 -6.07 15.51
N ALA A 199 -1.53 -5.98 16.04
CA ALA A 199 -0.33 -6.16 15.24
C ALA A 199 0.25 -7.53 15.53
N HIS A 200 0.05 -8.45 14.60
CA HIS A 200 0.61 -9.79 14.70
C HIS A 200 1.97 -9.75 14.01
N LEU A 201 3.05 -9.73 14.80
CA LEU A 201 4.40 -9.64 14.25
C LEU A 201 5.13 -10.95 14.56
N GLY A 202 5.41 -11.72 13.52
CA GLY A 202 6.18 -12.95 13.64
C GLY A 202 6.99 -13.13 12.36
N ASN A 203 7.13 -14.36 11.88
CA ASN A 203 7.80 -14.55 10.59
C ASN A 203 7.03 -13.88 9.45
N GLY A 204 5.71 -14.07 9.44
CA GLY A 204 4.82 -13.21 8.69
C GLY A 204 4.30 -12.14 9.63
N CYS A 205 3.95 -10.97 9.09
CA CYS A 205 3.47 -9.84 9.89
C CYS A 205 2.25 -9.22 9.24
N SER A 206 1.20 -9.01 10.03
CA SER A 206 0.03 -8.31 9.52
C SER A 206 -0.64 -7.53 10.65
N ILE A 207 -1.42 -6.53 10.29
CA ILE A 207 -2.08 -5.70 11.28
C ILE A 207 -3.55 -5.52 10.91
N THR A 208 -4.43 -5.53 11.89
CA THR A 208 -5.86 -5.56 11.61
C THR A 208 -6.58 -4.55 12.48
N ALA A 209 -7.56 -3.85 11.88
CA ALA A 209 -8.44 -2.98 12.63
C ALA A 209 -9.71 -3.75 12.96
N VAL A 210 -9.95 -3.93 14.25
CA VAL A 210 -11.11 -4.70 14.74
C VAL A 210 -12.09 -3.76 15.44
N VAL A 211 -13.29 -3.66 14.90
CA VAL A 211 -14.32 -2.78 15.46
C VAL A 211 -15.48 -3.63 15.95
N ASP A 212 -15.84 -3.43 17.21
CA ASP A 212 -16.86 -4.26 17.87
C ASP A 212 -16.64 -5.75 17.58
N GLY A 213 -15.39 -6.19 17.63
CA GLY A 213 -15.08 -7.60 17.46
C GLY A 213 -14.93 -8.09 16.04
N LYS A 214 -15.22 -7.24 15.05
CA LYS A 214 -15.14 -7.62 13.64
C LYS A 214 -14.03 -6.91 12.86
N SER A 215 -13.32 -7.66 12.01
CA SER A 215 -12.30 -7.08 11.14
C SER A 215 -12.94 -6.09 10.16
N ILE A 216 -12.39 -4.88 10.07
CA ILE A 216 -12.87 -3.89 9.13
C ILE A 216 -11.80 -3.55 8.09
N ASP A 217 -10.52 -3.80 8.41
CA ASP A 217 -9.43 -3.54 7.47
C ASP A 217 -8.24 -4.35 7.94
N THR A 218 -7.36 -4.72 7.02
CA THR A 218 -6.19 -5.51 7.38
C THR A 218 -5.13 -5.32 6.32
N SER A 219 -3.89 -5.63 6.66
CA SER A 219 -2.74 -5.23 5.85
C SER A 219 -2.32 -6.19 4.74
N MSE A 220 -2.54 -7.49 4.91
CA MSE A 220 -2.23 -8.44 3.82
C MSE A 220 -3.26 -8.30 2.69
O MSE A 220 -4.27 -7.65 2.86
CB MSE A 220 -2.14 -9.88 4.32
CG MSE A 220 -0.82 -10.14 5.07
SE MSE A 220 -0.88 -11.79 6.10
CE MSE A 220 1.04 -11.97 6.46
N GLY A 221 -2.99 -8.88 1.52
CA GLY A 221 -3.83 -8.56 0.38
C GLY A 221 -4.53 -9.76 -0.20
N LEU A 222 -4.36 -9.96 -1.49
CA LEU A 222 -4.81 -11.19 -2.15
C LEU A 222 -4.15 -12.38 -1.48
N THR A 223 -2.85 -12.27 -1.22
CA THR A 223 -2.08 -13.30 -0.53
C THR A 223 -1.37 -12.69 0.68
N PRO A 224 -0.67 -13.52 1.47
CA PRO A 224 0.09 -13.01 2.62
C PRO A 224 1.41 -12.27 2.29
N LEU A 225 1.64 -11.93 1.02
CA LEU A 225 2.82 -11.14 0.64
C LEU A 225 2.72 -9.64 1.00
N ASP A 226 1.51 -9.09 0.98
CA ASP A 226 1.33 -7.63 1.04
C ASP A 226 1.36 -7.05 2.45
N GLY A 227 1.59 -5.74 2.54
CA GLY A 227 1.46 -5.02 3.78
C GLY A 227 2.74 -4.71 4.52
N LEU A 228 2.84 -5.23 5.75
CA LEU A 228 3.99 -4.99 6.63
C LEU A 228 5.29 -5.61 6.12
N VAL A 229 6.42 -5.04 6.55
CA VAL A 229 7.73 -5.67 6.35
C VAL A 229 7.76 -6.99 7.12
N MSE A 230 8.31 -8.05 6.52
CA MSE A 230 8.39 -9.35 7.19
C MSE A 230 9.81 -9.94 7.11
O MSE A 230 10.73 -9.28 6.66
CB MSE A 230 7.35 -10.31 6.60
CG MSE A 230 6.05 -9.62 6.22
SE MSE A 230 4.61 -10.86 5.69
CE MSE A 230 3.41 -9.54 4.87
N GLY A 231 9.98 -11.17 7.58
CA GLY A 231 11.30 -11.80 7.58
C GLY A 231 11.93 -11.87 6.19
N THR A 232 11.18 -12.38 5.23
CA THR A 232 11.68 -12.47 3.86
C THR A 232 10.73 -11.89 2.80
N ARG A 233 9.58 -11.36 3.22
CA ARG A 233 8.61 -10.75 2.30
C ARG A 233 8.64 -9.22 2.34
N SER A 234 8.51 -8.61 1.16
CA SER A 234 8.61 -7.17 1.00
C SER A 234 7.49 -6.36 1.64
N GLY A 235 6.30 -6.95 1.69
CA GLY A 235 5.10 -6.18 2.01
C GLY A 235 4.85 -5.16 0.90
N CYS A 236 4.19 -4.07 1.25
CA CYS A 236 3.83 -3.01 0.30
C CYS A 236 4.96 -2.61 -0.63
N ILE A 237 4.66 -2.53 -1.93
CA ILE A 237 5.62 -2.03 -2.90
C ILE A 237 4.90 -1.56 -4.17
N ASP A 238 5.50 -0.61 -4.88
CA ASP A 238 4.90 -0.07 -6.11
C ASP A 238 4.84 -1.23 -7.12
N PRO A 239 3.64 -1.49 -7.68
CA PRO A 239 3.49 -2.55 -8.67
C PRO A 239 4.39 -2.32 -9.88
N SER A 240 4.79 -1.07 -10.10
CA SER A 240 5.68 -0.73 -11.22
C SER A 240 7.01 -1.46 -11.19
N ILE A 241 7.34 -2.08 -10.07
CA ILE A 241 8.64 -2.73 -9.99
C ILE A 241 8.72 -3.94 -10.92
N PHE A 242 7.57 -4.51 -11.29
CA PHE A 242 7.58 -5.69 -12.14
C PHE A 242 8.09 -5.32 -13.54
N ALA A 243 7.52 -4.28 -14.13
CA ALA A 243 7.93 -3.85 -15.47
C ALA A 243 9.38 -3.37 -15.44
N TYR A 244 9.76 -2.68 -14.37
CA TYR A 244 11.12 -2.20 -14.27
C TYR A 244 12.13 -3.35 -14.30
N ILE A 245 11.93 -4.34 -13.44
CA ILE A 245 12.85 -5.48 -13.41
C ILE A 245 12.79 -6.33 -14.68
N SER A 246 11.57 -6.63 -15.13
CA SER A 246 11.37 -7.41 -16.35
C SER A 246 12.01 -6.72 -17.57
N ASP A 247 11.75 -5.42 -17.71
CA ASP A 247 12.24 -4.68 -18.86
C ASP A 247 13.74 -4.41 -18.82
N ASN A 248 14.30 -4.25 -17.62
CA ASN A 248 15.70 -3.83 -17.51
C ASN A 248 16.68 -4.93 -17.14
N LEU A 249 16.23 -5.89 -16.34
CA LEU A 249 17.07 -7.01 -15.91
C LEU A 249 16.65 -8.31 -16.57
N GLY A 250 15.44 -8.35 -17.13
CA GLY A 250 14.97 -9.52 -17.85
C GLY A 250 14.46 -10.68 -17.03
N TRP A 251 14.12 -10.42 -15.76
CA TRP A 251 13.54 -11.46 -14.90
C TRP A 251 12.12 -11.80 -15.31
N SER A 252 11.69 -13.02 -15.01
CA SER A 252 10.31 -13.44 -15.21
C SER A 252 9.42 -13.02 -14.04
N VAL A 253 8.11 -13.01 -14.27
CA VAL A 253 7.14 -12.73 -13.21
C VAL A 253 7.39 -13.67 -12.02
N THR A 254 7.69 -14.92 -12.32
CA THR A 254 7.92 -15.92 -11.28
C THR A 254 9.17 -15.58 -10.47
N GLU A 255 10.22 -15.17 -11.16
CA GLU A 255 11.47 -14.81 -10.49
C GLU A 255 11.28 -13.54 -9.65
N ILE A 256 10.56 -12.57 -10.19
CA ILE A 256 10.33 -11.33 -9.45
C ILE A 256 9.49 -11.63 -8.20
N THR A 257 8.46 -12.44 -8.36
CA THR A 257 7.57 -12.75 -7.25
C THR A 257 8.30 -13.56 -6.18
N ASN A 258 9.15 -14.49 -6.62
CA ASN A 258 9.96 -15.25 -5.68
C ASN A 258 10.89 -14.35 -4.89
N MSE A 259 11.47 -13.37 -5.57
CA MSE A 259 12.34 -12.39 -4.92
C MSE A 259 11.59 -11.62 -3.82
O MSE A 259 12.13 -11.41 -2.72
CB MSE A 259 12.92 -11.41 -5.95
CG MSE A 259 13.79 -10.31 -5.35
SE MSE A 259 12.77 -8.73 -4.85
CE MSE A 259 12.20 -8.19 -6.66
N LEU A 260 10.37 -11.21 -4.12
CA LEU A 260 9.59 -10.44 -3.15
C LEU A 260 9.13 -11.28 -1.97
N ASN A 261 8.98 -12.59 -2.20
CA ASN A 261 8.49 -13.52 -1.17
C ASN A 261 9.59 -14.15 -0.32
N LYS A 262 10.78 -14.32 -0.91
CA LYS A 262 11.83 -15.14 -0.31
C LYS A 262 13.18 -14.44 -0.14
N GLN A 263 13.38 -13.31 -0.80
CA GLN A 263 14.68 -12.63 -0.67
C GLN A 263 14.56 -11.17 -0.19
N SER A 264 13.36 -10.80 0.26
CA SER A 264 13.09 -9.41 0.60
C SER A 264 12.87 -9.25 2.11
N GLY A 265 12.07 -8.28 2.53
CA GLY A 265 11.87 -8.07 3.97
C GLY A 265 13.20 -7.81 4.69
N LEU A 266 13.28 -8.21 5.95
CA LEU A 266 14.50 -8.01 6.74
C LEU A 266 15.72 -8.64 6.06
N LEU A 267 15.52 -9.82 5.49
CA LEU A 267 16.60 -10.53 4.81
C LEU A 267 17.16 -9.68 3.68
N GLY A 268 16.28 -9.12 2.85
CA GLY A 268 16.70 -8.27 1.75
C GLY A 268 17.43 -7.02 2.22
N ILE A 269 16.89 -6.36 3.23
CA ILE A 269 17.50 -5.12 3.72
C ILE A 269 18.88 -5.33 4.35
N CYS A 270 19.00 -6.31 5.24
CA CYS A 270 20.21 -6.41 6.03
C CYS A 270 20.93 -7.76 6.02
N GLY A 271 20.36 -8.75 5.34
CA GLY A 271 21.02 -10.05 5.25
C GLY A 271 20.58 -11.10 6.27
N HIS A 272 19.59 -10.75 7.09
CA HIS A 272 19.10 -11.68 8.10
C HIS A 272 17.59 -11.65 8.22
N ASN A 273 16.95 -12.81 8.14
CA ASN A 273 15.49 -12.88 8.18
C ASN A 273 14.92 -12.93 9.60
N ASP A 274 15.72 -13.42 10.53
CA ASP A 274 15.26 -13.63 11.91
C ASP A 274 15.40 -12.35 12.73
N MSE A 275 14.27 -11.80 13.19
CA MSE A 275 14.30 -10.51 13.89
C MSE A 275 15.19 -10.48 15.13
O MSE A 275 15.77 -9.45 15.47
CB MSE A 275 12.88 -10.04 14.27
CG MSE A 275 12.88 -8.67 15.00
SE MSE A 275 13.77 -7.22 14.03
CE MSE A 275 12.19 -6.42 13.15
N ARG A 276 15.28 -11.63 15.81
CA ARG A 276 16.17 -11.74 16.96
C ARG A 276 17.63 -11.48 16.57
N GLU A 277 18.05 -12.06 15.45
CA GLU A 277 19.41 -11.86 14.97
C GLU A 277 19.60 -10.44 14.46
N VAL A 278 18.60 -9.92 13.76
CA VAL A 278 18.65 -8.53 13.33
C VAL A 278 18.88 -7.62 14.54
N SER A 279 18.09 -7.81 15.60
CA SER A 279 18.18 -6.97 16.79
C SER A 279 19.57 -7.06 17.43
N GLN A 280 20.10 -8.27 17.47
CA GLN A 280 21.41 -8.50 18.08
C GLN A 280 22.52 -7.84 17.29
N LEU A 281 22.45 -7.96 15.96
CA LEU A 281 23.38 -7.26 15.09
C LEU A 281 23.28 -5.73 15.22
N ALA A 282 22.06 -5.22 15.22
CA ALA A 282 21.86 -3.77 15.34
C ALA A 282 22.45 -3.29 16.66
N ALA A 283 22.27 -4.09 17.70
CA ALA A 283 22.75 -3.76 19.03
C ALA A 283 24.27 -3.68 19.10
N LYS A 284 24.96 -4.38 18.20
CA LYS A 284 26.41 -4.32 18.17
C LYS A 284 26.90 -3.17 17.29
N GLY A 285 25.97 -2.48 16.63
CA GLY A 285 26.34 -1.33 15.81
C GLY A 285 26.19 -1.47 14.30
N ASP A 286 25.60 -2.57 13.83
CA ASP A 286 25.45 -2.75 12.38
C ASP A 286 24.39 -1.80 11.81
N SER A 287 24.80 -0.87 10.96
CA SER A 287 23.88 0.18 10.51
C SER A 287 22.75 -0.31 9.61
N LEU A 288 22.99 -1.37 8.83
CA LEU A 288 21.93 -1.92 7.97
C LEU A 288 20.88 -2.66 8.78
N ALA A 289 21.31 -3.34 9.85
CA ALA A 289 20.34 -3.98 10.74
C ALA A 289 19.50 -2.91 11.41
N LYS A 290 20.15 -1.82 11.80
CA LYS A 290 19.42 -0.69 12.37
C LYS A 290 18.41 -0.13 11.38
N LEU A 291 18.81 0.00 10.11
CA LEU A 291 17.92 0.51 9.07
C LEU A 291 16.74 -0.42 8.85
N ALA A 292 17.00 -1.72 8.87
CA ALA A 292 15.94 -2.72 8.69
C ALA A 292 14.90 -2.55 9.80
N ILE A 293 15.37 -2.32 11.03
CA ILE A 293 14.46 -2.12 12.15
C ILE A 293 13.67 -0.82 12.02
N GLU A 294 14.32 0.25 11.55
CA GLU A 294 13.63 1.51 11.30
C GLU A 294 12.56 1.32 10.22
N ILE A 295 12.92 0.71 9.10
CA ILE A 295 11.93 0.50 8.03
C ILE A 295 10.76 -0.35 8.54
N PHE A 296 11.07 -1.46 9.19
CA PHE A 296 10.04 -2.35 9.74
C PHE A 296 9.13 -1.60 10.73
N SER A 297 9.73 -0.93 11.70
CA SER A 297 8.95 -0.29 12.76
C SER A 297 8.10 0.85 12.24
N HIS A 298 8.65 1.64 11.34
CA HIS A 298 7.93 2.79 10.78
C HIS A 298 6.71 2.34 9.98
N ARG A 299 6.87 1.24 9.24
CA ARG A 299 5.72 0.76 8.47
C ARG A 299 4.59 0.30 9.41
N VAL A 300 4.94 -0.40 10.50
CA VAL A 300 3.89 -0.78 11.46
C VAL A 300 3.22 0.48 12.01
N ALA A 301 4.02 1.47 12.41
CA ALA A 301 3.47 2.71 12.94
C ALA A 301 2.56 3.42 11.93
N LYS A 302 2.94 3.44 10.65
CA LYS A 302 2.09 4.04 9.62
C LYS A 302 0.72 3.35 9.48
N PHE A 303 0.69 2.02 9.56
CA PHE A 303 -0.56 1.29 9.51
C PHE A 303 -1.41 1.56 10.75
N VAL A 304 -0.79 1.55 11.92
CA VAL A 304 -1.51 1.87 13.14
C VAL A 304 -2.17 3.24 12.99
N ALA A 305 -1.38 4.22 12.59
CA ALA A 305 -1.90 5.58 12.39
C ALA A 305 -3.06 5.61 11.41
N SER A 306 -2.93 4.86 10.31
N SER A 306 -2.92 4.87 10.30
CA SER A 306 -3.96 4.87 9.27
CA SER A 306 -3.96 4.86 9.29
C SER A 306 -5.26 4.24 9.77
C SER A 306 -5.24 4.34 9.89
N TYR A 307 -5.13 3.27 10.67
CA TYR A 307 -6.31 2.60 11.24
C TYR A 307 -7.03 3.41 12.34
N MSE A 308 -6.40 4.47 12.83
CA MSE A 308 -7.07 5.32 13.81
C MSE A 308 -8.40 5.88 13.27
O MSE A 308 -9.30 6.19 14.05
CB MSE A 308 -6.15 6.46 14.25
CG MSE A 308 -4.87 5.99 14.93
SE MSE A 308 -5.25 4.93 16.55
CE MSE A 308 -5.69 6.42 17.76
N ILE A 309 -8.55 5.99 11.95
CA ILE A 309 -9.80 6.50 11.38
C ILE A 309 -11.03 5.70 11.80
N TYR A 310 -10.86 4.42 12.13
CA TYR A 310 -12.02 3.56 12.41
C TYR A 310 -12.56 3.67 13.83
N PHE A 311 -11.92 4.47 14.68
CA PHE A 311 -12.25 4.41 16.11
C PHE A 311 -12.67 5.74 16.70
N ASN A 312 -13.89 5.78 17.24
CA ASN A 312 -14.27 6.90 18.09
C ASN A 312 -13.42 6.84 19.35
N LYS A 313 -13.30 5.62 19.88
CA LYS A 313 -12.48 5.37 21.06
C LYS A 313 -11.70 4.07 20.87
N LEU A 314 -10.39 4.18 20.73
CA LEU A 314 -9.55 2.98 20.61
C LEU A 314 -9.37 2.34 21.98
N ASP A 315 -9.73 1.06 22.11
CA ASP A 315 -9.56 0.36 23.39
C ASP A 315 -8.09 0.07 23.66
N ALA A 316 -7.42 -0.48 22.66
CA ALA A 316 -5.99 -0.79 22.77
C ALA A 316 -5.34 -1.03 21.43
N LEU A 317 -4.03 -0.79 21.38
CA LEU A 317 -3.18 -1.35 20.34
C LEU A 317 -2.62 -2.62 20.94
N VAL A 318 -2.71 -3.75 20.22
CA VAL A 318 -2.28 -5.06 20.77
C VAL A 318 -1.17 -5.68 19.94
N PHE A 319 -0.03 -6.00 20.59
CA PHE A 319 1.07 -6.71 19.93
C PHE A 319 0.92 -8.21 20.19
N THR A 320 1.17 -9.01 19.17
CA THR A 320 1.11 -10.46 19.33
C THR A 320 2.05 -11.09 18.30
N GLY A 321 2.15 -12.42 18.31
CA GLY A 321 3.07 -13.12 17.42
C GLY A 321 4.44 -13.29 18.04
N GLY A 322 5.31 -14.07 17.39
CA GLY A 322 6.63 -14.36 17.93
C GLY A 322 7.43 -13.10 18.28
N ILE A 323 7.36 -12.09 17.41
CA ILE A 323 8.06 -10.84 17.64
C ILE A 323 7.26 -9.95 18.59
N GLY A 324 5.97 -9.84 18.33
CA GLY A 324 5.10 -8.96 19.10
C GLY A 324 5.08 -9.34 20.57
N GLU A 325 5.15 -10.63 20.84
CA GLU A 325 5.07 -11.12 22.23
C GLU A 325 6.38 -10.98 22.99
N ASN A 326 7.50 -10.98 22.27
CA ASN A 326 8.81 -11.20 22.88
C ASN A 326 9.83 -10.09 22.70
N ALA A 327 9.69 -9.30 21.64
CA ALA A 327 10.71 -8.30 21.30
C ALA A 327 10.44 -6.92 21.93
N ALA A 328 10.88 -6.71 23.16
CA ALA A 328 10.61 -5.43 23.83
C ALA A 328 11.21 -4.25 23.07
N ASN A 329 12.39 -4.43 22.48
CA ASN A 329 13.04 -3.35 21.77
C ASN A 329 12.25 -2.90 20.54
N ILE A 330 11.63 -3.87 19.86
CA ILE A 330 10.85 -3.57 18.68
C ILE A 330 9.53 -2.86 19.02
N ARG A 331 8.85 -3.31 20.06
CA ARG A 331 7.66 -2.62 20.51
C ARG A 331 8.01 -1.18 20.93
N LYS A 332 9.12 -1.02 21.65
CA LYS A 332 9.56 0.31 22.07
C LYS A 332 9.78 1.23 20.85
N ASN A 333 10.38 0.66 19.82
CA ASN A 333 10.70 1.44 18.63
C ASN A 333 9.40 1.85 17.94
N ILE A 334 8.49 0.90 17.77
CA ILE A 334 7.22 1.21 17.15
C ILE A 334 6.43 2.28 17.91
N ILE A 335 6.35 2.16 19.23
CA ILE A 335 5.60 3.12 20.02
C ILE A 335 6.28 4.50 19.99
N SER A 336 7.60 4.48 20.00
CA SER A 336 8.37 5.71 19.83
C SER A 336 7.90 6.49 18.60
N LYS A 337 7.66 5.77 17.50
CA LYS A 337 7.25 6.42 16.26
C LYS A 337 5.81 6.89 16.29
N LEU A 338 5.06 6.45 17.29
CA LEU A 338 3.65 6.80 17.44
C LEU A 338 3.45 7.90 18.50
N ALA A 339 4.53 8.55 18.89
CA ALA A 339 4.47 9.59 19.92
C ALA A 339 3.44 10.67 19.63
N ASN A 340 3.36 11.13 18.38
CA ASN A 340 2.46 12.24 18.06
C ASN A 340 0.98 11.84 18.08
N LEU A 341 0.72 10.54 18.21
CA LEU A 341 -0.65 10.05 18.26
C LEU A 341 -1.10 9.65 19.67
N GLY A 342 -0.35 10.05 20.69
CA GLY A 342 -0.77 9.78 22.05
C GLY A 342 -0.50 8.36 22.55
N PHE A 343 0.57 7.74 22.04
CA PHE A 343 1.05 6.46 22.55
C PHE A 343 2.36 6.67 23.29
N MSE A 344 2.48 6.07 24.47
CA MSE A 344 3.71 6.17 25.27
C MSE A 344 3.91 4.88 26.01
O MSE A 344 2.98 4.39 26.66
CB MSE A 344 3.61 7.30 26.29
CG MSE A 344 3.35 8.66 25.68
SE MSE A 344 4.96 9.36 24.81
CE MSE A 344 6.25 8.97 26.23
N ILE A 345 5.13 4.35 25.97
CA ILE A 345 5.41 3.06 26.57
C ILE A 345 5.92 3.24 27.98
N ASP A 346 5.68 2.24 28.83
CA ASP A 346 6.31 2.17 30.15
C ASP A 346 7.42 1.14 30.06
N HIS A 347 8.66 1.56 30.30
CA HIS A 347 9.79 0.69 30.00
C HIS A 347 9.85 -0.58 30.84
N GLN A 348 9.58 -0.48 32.14
CA GLN A 348 9.66 -1.65 33.00
C GLN A 348 8.54 -2.66 32.67
N LYS A 349 7.33 -2.17 32.43
CA LYS A 349 6.25 -3.05 32.00
C LYS A 349 6.58 -3.69 30.65
N ASN A 350 7.11 -2.89 29.73
CA ASN A 350 7.53 -3.43 28.44
C ASN A 350 8.58 -4.52 28.61
N SER A 351 9.52 -4.31 29.54
CA SER A 351 10.64 -5.24 29.71
C SER A 351 10.16 -6.63 30.08
N ASN A 352 9.03 -6.72 30.77
CA ASN A 352 8.45 -8.02 31.08
C ASN A 352 7.27 -8.42 30.20
N SER A 353 7.07 -7.74 29.09
CA SER A 353 5.95 -8.07 28.18
C SER A 353 4.65 -8.26 28.95
N GLU A 354 4.32 -7.31 29.82
CA GLU A 354 3.09 -7.40 30.61
C GLU A 354 1.83 -7.19 29.78
N THR A 355 0.69 -7.50 30.38
CA THR A 355 -0.58 -7.37 29.66
C THR A 355 -0.77 -5.96 29.16
N PHE A 356 -0.51 -4.98 30.03
CA PHE A 356 -0.48 -3.58 29.59
C PHE A 356 0.95 -3.04 29.67
N ILE A 357 1.41 -2.38 28.60
CA ILE A 357 2.77 -1.83 28.60
C ILE A 357 2.83 -0.33 28.33
N ASN A 358 1.67 0.32 28.34
CA ASN A 358 1.61 1.76 28.15
C ASN A 358 1.87 2.50 29.44
N SER A 359 2.33 3.74 29.33
N SER A 359 2.32 3.75 29.30
CA SER A 359 2.49 4.57 30.51
CA SER A 359 2.50 4.63 30.45
C SER A 359 1.16 5.26 30.82
C SER A 359 1.18 5.34 30.76
N LYS A 360 1.20 6.17 31.78
CA LYS A 360 0.01 6.87 32.25
C LYS A 360 -0.73 7.69 31.19
N ASN A 361 -0.01 8.49 30.42
CA ASN A 361 -0.70 9.35 29.46
C ASN A 361 -0.59 8.75 28.07
N SER A 362 -1.45 7.78 27.78
CA SER A 362 -1.31 7.00 26.56
C SER A 362 -2.56 6.19 26.31
N HIS A 363 -2.85 5.95 25.04
CA HIS A 363 -3.74 4.86 24.66
C HIS A 363 -3.21 3.59 25.30
N ASN A 364 -4.09 2.63 25.56
CA ASN A 364 -3.66 1.33 26.05
C ASN A 364 -2.81 0.64 25.00
N ILE A 365 -1.73 0.01 25.45
CA ILE A 365 -0.88 -0.80 24.60
C ILE A 365 -0.71 -2.13 25.31
N MSE A 366 -0.99 -3.23 24.61
CA MSE A 366 -1.05 -4.53 25.25
C MSE A 366 -0.16 -5.52 24.57
O MSE A 366 0.22 -5.34 23.41
CB MSE A 366 -2.49 -5.08 25.23
CG MSE A 366 -3.50 -4.12 25.83
SE MSE A 366 -5.35 -4.79 25.82
CE MSE A 366 -5.15 -6.24 27.15
N VAL A 367 0.20 -6.57 25.30
CA VAL A 367 0.82 -7.74 24.73
C VAL A 367 -0.06 -8.93 25.10
N ILE A 368 -0.53 -9.65 24.09
CA ILE A 368 -1.39 -10.81 24.30
C ILE A 368 -0.84 -11.95 23.45
N ALA A 369 -0.61 -13.10 24.07
CA ALA A 369 -0.04 -14.23 23.36
C ALA A 369 -1.09 -14.82 22.44
N THR A 370 -0.72 -15.07 21.18
CA THR A 370 -1.69 -15.70 20.29
C THR A 370 -1.63 -17.22 20.45
N ASN A 371 -2.68 -17.91 20.05
CA ASN A 371 -2.71 -19.37 20.17
C ASN A 371 -3.65 -19.89 19.10
N GLU A 372 -3.13 -19.93 17.87
CA GLU A 372 -3.98 -20.26 16.72
C GLU A 372 -4.45 -21.70 16.79
N GLU A 373 -3.63 -22.58 17.35
CA GLU A 373 -4.00 -23.99 17.45
C GLU A 373 -5.18 -24.16 18.38
N LEU A 374 -5.15 -23.44 19.51
CA LEU A 374 -6.30 -23.45 20.42
C LEU A 374 -7.55 -22.88 19.75
N MSE A 375 -7.39 -21.82 18.96
CA MSE A 375 -8.52 -21.22 18.28
C MSE A 375 -9.14 -22.21 17.30
O MSE A 375 -10.36 -22.31 17.19
CB MSE A 375 -8.07 -19.96 17.53
CG MSE A 375 -9.22 -19.20 16.88
SE MSE A 375 -10.45 -18.41 18.20
CE MSE A 375 -11.86 -17.86 16.99
N ILE A 376 -8.29 -22.93 16.57
CA ILE A 376 -8.79 -23.93 15.64
C ILE A 376 -9.53 -25.02 16.41
N ALA A 377 -9.01 -25.41 17.57
CA ALA A 377 -9.67 -26.43 18.40
C ALA A 377 -11.02 -25.94 18.90
N GLN A 378 -11.09 -24.66 19.27
CA GLN A 378 -12.35 -24.08 19.73
C GLN A 378 -13.38 -23.96 18.61
N GLU A 379 -12.93 -23.54 17.43
CA GLU A 379 -13.80 -23.46 16.26
C GLU A 379 -14.36 -24.82 15.90
N THR A 380 -13.52 -25.83 16.04
CA THR A 380 -13.90 -27.20 15.70
C THR A 380 -14.92 -27.75 16.70
N GLN A 381 -14.61 -27.62 17.98
CA GLN A 381 -15.51 -28.03 19.05
C GLN A 381 -16.91 -27.41 18.87
N ASN A 382 -16.93 -26.14 18.46
CA ASN A 382 -18.18 -25.42 18.29
C ASN A 382 -19.11 -26.07 17.27
N LEU A 383 -18.55 -26.82 16.33
CA LEU A 383 -19.34 -27.41 15.24
C LEU A 383 -19.69 -28.89 15.42
N ILE A 384 -19.25 -29.52 16.51
CA ILE A 384 -19.49 -30.95 16.70
C ILE A 384 -20.39 -31.25 17.89
N MSE B 1 9.46 42.79 -18.73
CA MSE B 1 8.67 42.32 -19.86
C MSE B 1 9.02 40.90 -20.28
O MSE B 1 8.37 40.31 -21.17
CB MSE B 1 8.81 43.25 -21.08
CG MSE B 1 8.06 44.58 -20.97
SE MSE B 1 6.13 44.36 -20.84
CE MSE B 1 5.79 43.34 -22.48
N SER B 2 10.05 40.33 -19.66
CA SER B 2 10.52 38.99 -20.03
C SER B 2 9.44 37.92 -19.80
N GLU B 3 9.34 36.96 -20.70
CA GLU B 3 8.39 35.86 -20.51
C GLU B 3 9.10 34.53 -20.57
N ILE B 4 8.50 33.54 -19.93
CA ILE B 4 9.00 32.17 -19.94
C ILE B 4 7.96 31.30 -20.63
N LEU B 5 8.37 30.53 -21.62
CA LEU B 5 7.51 29.54 -22.23
C LEU B 5 7.56 28.29 -21.38
N VAL B 6 6.43 27.89 -20.81
CA VAL B 6 6.41 26.72 -19.95
C VAL B 6 5.71 25.56 -20.65
N LEU B 7 6.36 24.40 -20.67
CA LEU B 7 5.83 23.24 -21.40
C LEU B 7 5.61 22.02 -20.55
N ASN B 8 4.56 21.27 -20.85
CA ASN B 8 4.39 19.94 -20.31
C ASN B 8 4.08 19.01 -21.47
N CYS B 9 5.09 18.28 -21.94
CA CYS B 9 4.93 17.45 -23.12
C CYS B 9 4.56 16.03 -22.74
N GLY B 10 3.45 15.56 -23.32
CA GLY B 10 2.94 14.22 -23.09
C GLY B 10 3.02 13.38 -24.36
N SER B 11 2.65 12.11 -24.27
CA SER B 11 2.78 11.22 -25.41
C SER B 11 2.03 11.72 -26.64
N SER B 12 0.87 12.34 -26.44
CA SER B 12 0.11 12.87 -27.57
C SER B 12 -0.44 14.27 -27.29
N SER B 13 0.21 15.00 -26.39
CA SER B 13 -0.27 16.32 -26.05
C SER B 13 0.87 17.22 -25.63
N VAL B 14 0.69 18.51 -25.82
CA VAL B 14 1.62 19.51 -25.31
C VAL B 14 0.81 20.62 -24.66
N LYS B 15 0.97 20.77 -23.35
CA LYS B 15 0.34 21.85 -22.63
C LYS B 15 1.36 22.99 -22.54
N PHE B 16 0.93 24.22 -22.82
CA PHE B 16 1.87 25.32 -22.77
C PHE B 16 1.31 26.55 -22.11
N ALA B 17 2.20 27.41 -21.64
CA ALA B 17 1.81 28.66 -21.03
C ALA B 17 2.94 29.65 -21.15
N LEU B 18 2.58 30.90 -21.40
CA LEU B 18 3.53 31.99 -21.49
C LEU B 18 3.37 32.81 -20.23
N ILE B 19 4.41 32.84 -19.40
CA ILE B 19 4.29 33.45 -18.09
C ILE B 19 5.35 34.52 -17.86
N ASN B 20 4.92 35.64 -17.31
CA ASN B 20 5.85 36.70 -16.92
C ASN B 20 6.25 36.47 -15.48
N PRO B 21 7.51 36.08 -15.25
CA PRO B 21 7.97 35.72 -13.90
C PRO B 21 7.99 36.94 -12.97
N HIS B 22 8.15 38.13 -13.55
CA HIS B 22 8.21 39.34 -12.73
C HIS B 22 6.85 39.77 -12.20
N THR B 23 5.80 39.60 -13.02
CA THR B 23 4.44 39.93 -12.60
C THR B 23 3.66 38.70 -12.14
N SER B 24 4.17 37.51 -12.43
CA SER B 24 3.47 36.25 -12.13
C SER B 24 2.21 36.07 -12.98
N GLN B 25 2.09 36.85 -14.05
CA GLN B 25 0.90 36.73 -14.90
C GLN B 25 1.07 35.69 -16.00
N SER B 26 -0.01 34.96 -16.25
CA SER B 26 -0.10 34.03 -17.35
C SER B 26 -0.78 34.73 -18.53
N LEU B 27 0.00 35.04 -19.55
CA LEU B 27 -0.46 35.81 -20.71
C LEU B 27 -1.21 34.96 -21.73
N VAL B 28 -0.72 33.75 -21.94
CA VAL B 28 -1.31 32.82 -22.89
C VAL B 28 -1.16 31.42 -22.32
N THR B 29 -2.23 30.63 -22.41
CA THR B 29 -2.14 29.22 -22.08
C THR B 29 -2.74 28.46 -23.25
N GLY B 30 -2.48 27.16 -23.32
CA GLY B 30 -2.94 26.43 -24.47
C GLY B 30 -2.64 24.95 -24.34
N LEU B 31 -3.15 24.18 -25.29
CA LEU B 31 -3.00 22.74 -25.24
C LEU B 31 -3.14 22.18 -26.63
N ALA B 32 -2.12 21.47 -27.07
CA ALA B 32 -2.21 20.68 -28.28
C ALA B 32 -2.60 19.29 -27.81
N GLU B 33 -3.59 18.69 -28.46
CA GLU B 33 -3.98 17.32 -28.12
C GLU B 33 -4.32 16.47 -29.34
N ASN B 34 -4.42 15.16 -29.14
CA ASN B 34 -4.71 14.23 -30.22
C ASN B 34 -3.63 14.31 -31.29
N ILE B 35 -2.41 14.61 -30.87
CA ILE B 35 -1.28 14.72 -31.79
C ILE B 35 -1.05 13.38 -32.50
N ALA B 36 -0.74 13.46 -33.79
CA ALA B 36 -0.52 12.28 -34.62
C ALA B 36 -1.79 11.46 -34.84
N THR B 37 -2.93 12.14 -34.81
CA THR B 37 -4.21 11.55 -35.15
C THR B 37 -4.91 12.53 -36.07
N LYS B 38 -6.04 12.12 -36.64
CA LYS B 38 -6.80 13.02 -37.49
C LYS B 38 -7.48 14.11 -36.68
N ASN B 39 -7.53 13.93 -35.37
CA ASN B 39 -8.21 14.86 -34.48
C ASN B 39 -7.29 15.88 -33.83
N CYS B 40 -6.05 15.93 -34.31
CA CYS B 40 -5.06 16.85 -33.76
C CYS B 40 -5.59 18.28 -33.78
N LYS B 41 -5.42 19.00 -32.67
CA LYS B 41 -5.84 20.40 -32.63
C LYS B 41 -5.05 21.12 -31.57
N VAL B 42 -4.94 22.44 -31.72
CA VAL B 42 -4.23 23.25 -30.74
C VAL B 42 -5.15 24.38 -30.29
N VAL B 43 -5.39 24.44 -28.99
CA VAL B 43 -6.27 25.46 -28.43
C VAL B 43 -5.38 26.54 -27.85
N PHE B 44 -5.62 27.79 -28.27
CA PHE B 44 -4.89 28.93 -27.71
C PHE B 44 -5.87 29.76 -26.92
N LYS B 45 -5.50 30.08 -25.68
CA LYS B 45 -6.30 30.98 -24.86
C LYS B 45 -5.50 32.22 -24.49
N ALA B 46 -5.78 33.31 -25.17
CA ALA B 46 -5.22 34.61 -24.81
C ALA B 46 -6.38 35.52 -24.42
N GLU B 47 -6.47 36.69 -25.02
CA GLU B 47 -7.64 37.53 -24.79
C GLU B 47 -8.89 36.73 -25.11
N HIS B 48 -8.86 36.04 -26.24
CA HIS B 48 -9.97 35.19 -26.66
C HIS B 48 -9.45 33.80 -26.98
N LYS B 49 -10.36 32.83 -27.03
CA LYS B 49 -10.02 31.46 -27.38
C LYS B 49 -9.96 31.25 -28.89
N ILE B 50 -8.91 30.57 -29.34
CA ILE B 50 -8.76 30.22 -30.74
C ILE B 50 -8.39 28.74 -30.83
N VAL B 51 -9.12 28.00 -31.66
CA VAL B 51 -8.85 26.58 -31.82
C VAL B 51 -8.37 26.31 -33.23
N LYS B 52 -7.18 25.73 -33.35
CA LYS B 52 -6.62 25.45 -34.66
C LYS B 52 -6.51 23.95 -34.89
N TYR B 53 -7.20 23.47 -35.92
CA TYR B 53 -7.20 22.03 -36.23
C TYR B 53 -6.10 21.71 -37.19
N LEU B 54 -5.51 20.53 -37.04
CA LEU B 54 -4.43 20.14 -37.91
C LEU B 54 -4.47 18.64 -38.12
N GLU B 55 -5.27 18.20 -39.07
CA GLU B 55 -5.47 16.77 -39.30
C GLU B 55 -4.14 16.08 -39.52
N ASN B 56 -3.89 15.06 -38.72
CA ASN B 56 -2.66 14.27 -38.84
C ASN B 56 -1.40 15.06 -38.47
N GLY B 57 -1.58 16.14 -37.72
CA GLY B 57 -0.45 16.94 -37.28
C GLY B 57 0.50 16.16 -36.39
N SER B 58 1.80 16.26 -36.69
CA SER B 58 2.81 15.60 -35.88
C SER B 58 3.25 16.50 -34.74
N TYR B 59 4.09 15.97 -33.86
CA TYR B 59 4.63 16.74 -32.75
C TYR B 59 5.39 17.96 -33.28
N LYS B 60 6.16 17.75 -34.34
CA LYS B 60 6.94 18.84 -34.95
C LYS B 60 6.03 19.92 -35.52
N ASP B 61 4.96 19.50 -36.19
CA ASP B 61 3.95 20.44 -36.70
C ASP B 61 3.40 21.30 -35.57
N VAL B 62 3.13 20.66 -34.44
CA VAL B 62 2.58 21.39 -33.30
C VAL B 62 3.56 22.46 -32.86
N PHE B 63 4.84 22.10 -32.70
CA PHE B 63 5.84 23.08 -32.30
C PHE B 63 6.00 24.21 -33.30
N GLU B 64 5.89 23.90 -34.59
CA GLU B 64 5.99 24.95 -35.60
C GLU B 64 4.77 25.88 -35.55
N MSE B 65 3.61 25.33 -35.23
CA MSE B 65 2.42 26.16 -35.11
C MSE B 65 2.52 27.03 -33.87
O MSE B 65 2.11 28.20 -33.88
CB MSE B 65 1.17 25.29 -35.07
CG MSE B 65 -0.11 26.07 -34.79
SE MSE B 65 -1.65 24.86 -34.84
CE MSE B 65 -1.27 23.95 -36.52
N LEU B 66 3.07 26.48 -32.79
CA LEU B 66 3.28 27.25 -31.58
C LEU B 66 4.22 28.42 -31.86
N LYS B 67 5.34 28.13 -32.51
CA LYS B 67 6.27 29.20 -32.88
C LYS B 67 5.59 30.27 -33.75
N ASP B 68 4.88 29.84 -34.80
CA ASP B 68 4.15 30.76 -35.67
C ASP B 68 3.25 31.70 -34.87
N PHE B 69 2.54 31.13 -33.89
CA PHE B 69 1.64 31.92 -33.06
C PHE B 69 2.45 32.95 -32.25
N LEU B 70 3.56 32.52 -31.66
CA LEU B 70 4.39 33.42 -30.84
C LEU B 70 4.96 34.57 -31.68
N VAL B 71 5.34 34.26 -32.91
CA VAL B 71 5.88 35.28 -33.80
C VAL B 71 4.81 36.27 -34.21
N GLU B 72 3.71 35.75 -34.75
CA GLU B 72 2.62 36.60 -35.24
C GLU B 72 2.06 37.52 -34.17
N ASN B 73 1.99 37.04 -32.93
CA ASN B 73 1.46 37.83 -31.84
C ASN B 73 2.54 38.56 -31.04
N LYS B 74 3.74 38.58 -31.60
CA LYS B 74 4.86 39.30 -31.02
C LYS B 74 5.19 38.91 -29.57
N HIS B 75 5.19 37.61 -29.29
CA HIS B 75 5.70 37.11 -28.01
C HIS B 75 7.14 36.63 -28.11
N LEU B 76 7.53 36.12 -29.28
CA LEU B 76 8.83 35.47 -29.38
C LEU B 76 9.95 36.37 -28.86
N GLU B 77 9.91 37.65 -29.23
CA GLU B 77 10.94 38.59 -28.80
C GLU B 77 11.06 38.75 -27.29
N LYS B 78 9.97 38.54 -26.57
CA LYS B 78 9.94 38.73 -25.13
C LYS B 78 10.41 37.50 -24.34
N ILE B 79 10.43 36.34 -24.99
CA ILE B 79 10.75 35.09 -24.31
C ILE B 79 12.25 34.97 -24.06
N VAL B 80 12.62 34.70 -22.81
CA VAL B 80 14.03 34.61 -22.44
C VAL B 80 14.47 33.18 -22.13
N ALA B 81 13.50 32.27 -21.97
CA ALA B 81 13.83 30.90 -21.63
C ALA B 81 12.60 30.01 -21.74
N ILE B 82 12.85 28.71 -21.79
CA ILE B 82 11.81 27.71 -21.85
C ILE B 82 11.99 26.80 -20.61
N GLY B 83 10.92 26.65 -19.83
CA GLY B 83 10.93 25.74 -18.70
C GLY B 83 10.09 24.51 -19.03
N HIS B 84 10.66 23.32 -18.79
CA HIS B 84 9.98 22.05 -19.08
C HIS B 84 9.61 21.30 -17.81
N ARG B 85 8.35 20.87 -17.71
CA ARG B 85 8.01 19.90 -16.69
C ARG B 85 8.59 18.53 -17.06
N VAL B 86 9.37 17.96 -16.16
CA VAL B 86 9.92 16.62 -16.37
C VAL B 86 9.49 15.79 -15.17
N VAL B 87 8.77 14.69 -15.40
CA VAL B 87 8.26 13.95 -14.26
C VAL B 87 9.39 13.37 -13.39
N HIS B 88 10.35 12.71 -14.01
CA HIS B 88 11.29 11.91 -13.23
C HIS B 88 12.74 12.35 -13.38
N GLY B 89 13.34 12.73 -12.25
CA GLY B 89 14.76 13.05 -12.19
C GLY B 89 15.57 12.03 -11.39
N GLY B 90 14.94 10.91 -11.03
CA GLY B 90 15.60 9.86 -10.27
C GLY B 90 16.39 10.38 -9.08
N GLN B 91 17.52 9.76 -8.77
CA GLN B 91 18.31 10.22 -7.63
C GLN B 91 19.23 11.36 -8.03
N TYR B 92 19.16 11.76 -9.29
CA TYR B 92 20.08 12.76 -9.81
C TYR B 92 19.77 14.18 -9.36
N PHE B 93 18.49 14.52 -9.31
CA PHE B 93 18.13 15.93 -9.16
C PHE B 93 17.28 16.20 -7.93
N SER B 94 17.73 17.15 -7.09
CA SER B 94 16.92 17.61 -5.97
C SER B 94 16.55 19.08 -6.16
N LYS B 95 16.96 19.66 -7.28
CA LYS B 95 16.48 20.98 -7.71
C LYS B 95 16.47 21.08 -9.24
N SER B 96 15.99 22.20 -9.76
CA SER B 96 15.89 22.41 -11.20
C SER B 96 17.26 22.69 -11.79
N VAL B 97 17.42 22.37 -13.08
CA VAL B 97 18.72 22.51 -13.73
C VAL B 97 18.60 22.99 -15.16
N LEU B 98 19.63 23.68 -15.62
CA LEU B 98 19.76 24.01 -17.02
C LEU B 98 19.87 22.72 -17.85
N ILE B 99 19.24 22.76 -19.00
CA ILE B 99 19.36 21.71 -20.00
C ILE B 99 20.67 21.85 -20.74
N ASN B 100 21.52 20.84 -20.62
CA ASN B 100 22.75 20.73 -21.38
C ASN B 100 23.07 19.26 -21.52
N ALA B 101 24.22 18.93 -22.09
CA ALA B 101 24.56 17.53 -22.33
C ALA B 101 24.41 16.65 -21.08
N ASP B 102 24.88 17.16 -19.95
CA ASP B 102 24.89 16.34 -18.72
C ASP B 102 23.48 16.05 -18.20
N SER B 103 22.67 17.09 -18.05
CA SER B 103 21.32 16.90 -17.54
C SER B 103 20.47 16.09 -18.50
N LEU B 104 20.69 16.26 -19.79
CA LEU B 104 19.93 15.51 -20.79
C LEU B 104 20.25 14.02 -20.70
N GLU B 105 21.53 13.72 -20.52
CA GLU B 105 21.98 12.36 -20.32
C GLU B 105 21.28 11.74 -19.11
N LYS B 106 21.13 12.52 -18.05
CA LYS B 106 20.48 12.00 -16.85
C LYS B 106 18.98 11.84 -17.05
N ILE B 107 18.35 12.79 -17.71
CA ILE B 107 16.92 12.67 -17.97
C ILE B 107 16.65 11.43 -18.80
N LYS B 108 17.52 11.18 -19.77
CA LYS B 108 17.40 10.00 -20.63
C LYS B 108 17.56 8.72 -19.81
N ALA B 109 18.51 8.71 -18.89
CA ALA B 109 18.71 7.56 -18.03
C ALA B 109 17.47 7.28 -17.18
N CYS B 110 16.73 8.33 -16.84
CA CYS B 110 15.54 8.17 -16.00
C CYS B 110 14.30 7.69 -16.76
N ILE B 111 14.42 7.54 -18.08
CA ILE B 111 13.34 6.93 -18.84
C ILE B 111 13.01 5.57 -18.25
N ALA B 112 14.06 4.86 -17.83
CA ALA B 112 13.90 3.55 -17.21
C ALA B 112 12.99 3.63 -16.00
N LEU B 113 13.08 4.74 -15.27
CA LEU B 113 12.28 4.91 -14.06
C LEU B 113 10.86 5.37 -14.35
N ALA B 114 10.70 6.21 -15.39
CA ALA B 114 9.38 6.70 -15.77
C ALA B 114 9.20 6.52 -17.26
N PRO B 115 9.09 5.26 -17.71
CA PRO B 115 9.04 4.99 -19.15
C PRO B 115 7.83 5.61 -19.82
N LEU B 116 6.76 5.86 -19.06
CA LEU B 116 5.56 6.46 -19.65
C LEU B 116 5.59 7.99 -19.66
N HIS B 117 6.68 8.57 -19.19
CA HIS B 117 6.73 10.04 -19.08
C HIS B 117 7.94 10.67 -19.75
N ASN B 118 9.14 10.23 -19.39
CA ASN B 118 10.33 10.94 -19.82
C ASN B 118 10.62 10.97 -21.33
N PRO B 119 10.20 9.93 -22.07
CA PRO B 119 10.46 10.05 -23.51
C PRO B 119 9.85 11.32 -24.13
N ALA B 120 8.60 11.62 -23.82
CA ALA B 120 7.93 12.77 -24.39
C ALA B 120 8.57 14.09 -23.92
N HIS B 121 8.95 14.14 -22.66
CA HIS B 121 9.65 15.33 -22.17
C HIS B 121 10.89 15.57 -23.01
N ILE B 122 11.66 14.52 -23.26
CA ILE B 122 12.91 14.65 -24.00
C ILE B 122 12.68 15.06 -25.45
N GLU B 123 11.65 14.49 -26.05
CA GLU B 123 11.26 14.86 -27.42
C GLU B 123 10.94 16.35 -27.49
N GLY B 124 10.18 16.83 -26.50
CA GLY B 124 9.86 18.24 -26.40
C GLY B 124 11.11 19.11 -26.30
N ILE B 125 12.04 18.72 -25.43
CA ILE B 125 13.29 19.46 -25.29
C ILE B 125 14.04 19.52 -26.62
N ARG B 126 14.09 18.40 -27.32
CA ARG B 126 14.79 18.34 -28.60
C ARG B 126 14.15 19.22 -29.66
N PHE B 127 12.82 19.19 -29.74
CA PHE B 127 12.14 20.09 -30.68
C PHE B 127 12.46 21.55 -30.35
N CYS B 128 12.51 21.89 -29.07
CA CYS B 128 12.79 23.27 -28.68
C CYS B 128 14.21 23.69 -29.02
N GLN B 129 15.16 22.77 -28.89
CA GLN B 129 16.54 23.06 -29.25
C GLN B 129 16.60 23.38 -30.73
N GLN B 130 15.83 22.64 -31.54
CA GLN B 130 15.85 22.82 -32.98
C GLN B 130 15.11 24.08 -33.43
N ILE B 131 14.02 24.38 -32.75
CA ILE B 131 13.10 25.43 -33.16
C ILE B 131 13.34 26.77 -32.45
N PHE B 132 13.84 26.73 -31.21
CA PHE B 132 14.23 27.95 -30.49
C PHE B 132 15.68 27.81 -30.03
N PRO B 133 16.61 27.71 -30.99
CA PRO B 133 18.01 27.32 -30.71
C PRO B 133 18.76 28.22 -29.73
N GLU B 134 18.44 29.51 -29.70
CA GLU B 134 19.24 30.41 -28.88
C GLU B 134 18.73 30.63 -27.46
N LEU B 135 17.62 29.99 -27.11
CA LEU B 135 17.08 30.13 -25.77
C LEU B 135 17.65 29.11 -24.78
N PRO B 136 17.97 29.58 -23.56
CA PRO B 136 18.31 28.66 -22.47
C PRO B 136 17.07 27.85 -22.12
N GLN B 137 17.26 26.62 -21.64
CA GLN B 137 16.15 25.77 -21.24
C GLN B 137 16.40 25.20 -19.86
N VAL B 138 15.33 25.03 -19.09
CA VAL B 138 15.40 24.50 -17.74
C VAL B 138 14.45 23.31 -17.55
N ALA B 139 14.92 22.29 -16.83
CA ALA B 139 14.10 21.14 -16.44
C ALA B 139 13.71 21.27 -14.98
N VAL B 140 12.42 21.10 -14.70
CA VAL B 140 11.88 21.16 -13.35
C VAL B 140 11.21 19.82 -13.07
N PHE B 141 11.75 19.09 -12.10
CA PHE B 141 11.42 17.67 -11.89
C PHE B 141 10.36 17.45 -10.81
N ASP B 142 9.37 16.62 -11.11
CA ASP B 142 8.29 16.36 -10.17
C ASP B 142 8.77 15.46 -9.02
N THR B 143 9.96 14.89 -9.16
CA THR B 143 10.58 14.08 -8.10
C THR B 143 11.49 14.92 -7.18
N ALA B 144 11.90 16.10 -7.65
CA ALA B 144 12.90 16.90 -6.92
C ALA B 144 12.48 17.20 -5.47
N PHE B 145 11.25 17.65 -5.28
CA PHE B 145 10.75 18.07 -3.96
C PHE B 145 10.81 16.94 -2.95
N HIS B 146 10.62 15.72 -3.47
CA HIS B 146 10.54 14.57 -2.59
C HIS B 146 11.91 13.95 -2.26
N GLN B 147 12.96 14.54 -2.79
CA GLN B 147 14.30 13.99 -2.54
C GLN B 147 14.77 14.13 -1.09
N THR B 148 14.02 14.89 -0.29
CA THR B 148 14.31 15.00 1.12
C THR B 148 13.75 13.83 1.97
N MSE B 149 12.99 12.93 1.37
CA MSE B 149 12.43 11.79 2.11
C MSE B 149 13.58 10.93 2.57
O MSE B 149 14.41 10.56 1.76
CB MSE B 149 11.54 10.88 1.23
CG MSE B 149 10.11 11.34 1.00
SE MSE B 149 9.19 9.79 0.18
CE MSE B 149 10.18 9.77 -1.53
N PRO B 150 13.61 10.60 3.87
CA PRO B 150 14.72 9.79 4.41
C PRO B 150 14.64 8.34 3.94
N SER B 151 15.77 7.64 4.01
CA SER B 151 15.86 6.27 3.48
C SER B 151 14.88 5.31 4.14
N TYR B 152 14.68 5.45 5.44
CA TYR B 152 13.82 4.49 6.14
C TYR B 152 12.35 4.63 5.72
N ILE B 153 12.04 5.72 5.02
CA ILE B 153 10.69 5.96 4.53
C ILE B 153 10.60 5.64 3.04
N ALA B 154 11.62 6.07 2.29
CA ALA B 154 11.64 5.95 0.84
C ALA B 154 12.00 4.55 0.34
N GLU B 155 12.87 3.83 1.05
CA GLU B 155 13.29 2.53 0.57
C GLU B 155 12.24 1.47 0.79
N TYR B 156 12.19 0.51 -0.12
CA TYR B 156 11.31 -0.65 0.02
C TYR B 156 12.08 -1.75 0.76
N ALA B 157 11.36 -2.74 1.28
CA ALA B 157 12.05 -3.84 1.96
C ALA B 157 12.38 -4.94 0.95
N ILE B 158 13.44 -4.70 0.18
CA ILE B 158 13.88 -5.59 -0.89
C ILE B 158 15.40 -5.69 -0.79
N PRO B 159 16.02 -6.59 -1.58
CA PRO B 159 17.48 -6.77 -1.58
C PRO B 159 18.28 -5.47 -1.74
N TYR B 160 19.29 -5.28 -0.89
CA TYR B 160 20.20 -4.14 -0.98
C TYR B 160 20.60 -3.83 -2.41
N GLU B 161 20.93 -4.85 -3.18
CA GLU B 161 21.44 -4.62 -4.54
C GLU B 161 20.40 -3.99 -5.48
N LEU B 162 19.13 -4.36 -5.31
CA LEU B 162 18.08 -3.74 -6.12
C LEU B 162 17.87 -2.28 -5.74
N THR B 163 17.91 -2.02 -4.46
CA THR B 163 17.78 -0.66 -3.94
C THR B 163 18.91 0.23 -4.45
N HIS B 164 20.14 -0.27 -4.36
CA HIS B 164 21.30 0.60 -4.55
C HIS B 164 21.91 0.51 -5.95
N LYS B 165 22.11 -0.70 -6.46
CA LYS B 165 22.65 -0.83 -7.82
C LYS B 165 21.61 -0.37 -8.84
N HIS B 166 20.34 -0.70 -8.62
CA HIS B 166 19.31 -0.43 -9.60
C HIS B 166 18.38 0.74 -9.24
N ASN B 167 18.73 1.46 -8.18
CA ASN B 167 18.02 2.68 -7.79
C ASN B 167 16.52 2.52 -7.58
N ILE B 168 16.10 1.33 -7.17
CA ILE B 168 14.69 1.10 -6.90
C ILE B 168 14.32 1.58 -5.49
N ARG B 169 13.44 2.58 -5.43
CA ARG B 169 12.98 3.15 -4.18
C ARG B 169 11.76 4.03 -4.51
N LYS B 170 11.13 4.59 -3.50
CA LYS B 170 10.03 5.53 -3.70
C LYS B 170 10.59 6.90 -4.07
N TYR B 171 10.12 7.47 -5.18
CA TYR B 171 10.51 8.82 -5.61
C TYR B 171 9.36 9.83 -5.51
N GLY B 172 8.13 9.37 -5.67
CA GLY B 172 7.00 10.26 -5.67
C GLY B 172 6.89 11.04 -6.98
N ALA B 173 5.88 11.89 -7.05
CA ALA B 173 5.73 12.83 -8.16
C ALA B 173 4.80 13.97 -7.75
N HIS B 174 4.32 14.73 -8.72
CA HIS B 174 3.58 15.96 -8.42
C HIS B 174 4.40 16.89 -7.52
N GLY B 175 5.72 16.70 -7.46
CA GLY B 175 6.55 17.48 -6.55
C GLY B 175 6.40 18.99 -6.70
N THR B 176 6.29 19.46 -7.94
CA THR B 176 6.20 20.89 -8.17
C THR B 176 4.92 21.47 -7.58
N SER B 177 3.83 20.74 -7.75
CA SER B 177 2.57 21.10 -7.11
C SER B 177 2.69 21.12 -5.59
N HIS B 178 3.20 20.02 -5.02
CA HIS B 178 3.30 19.93 -3.56
C HIS B 178 4.17 21.03 -2.98
N LYS B 179 5.24 21.37 -3.69
CA LYS B 179 6.14 22.45 -3.27
C LYS B 179 5.42 23.80 -3.32
N TYR B 180 4.83 24.11 -4.47
CA TYR B 180 4.11 25.37 -4.65
C TYR B 180 3.00 25.53 -3.60
N VAL B 181 2.17 24.50 -3.49
CA VAL B 181 1.01 24.57 -2.59
C VAL B 181 1.40 24.66 -1.11
N SER B 182 2.44 23.91 -0.69
CA SER B 182 2.88 23.97 0.69
C SER B 182 3.51 25.33 1.02
N GLU B 183 4.23 25.90 0.06
CA GLU B 183 4.76 27.25 0.26
C GLU B 183 3.60 28.27 0.32
N GLN B 184 2.59 28.10 -0.53
CA GLN B 184 1.42 28.99 -0.47
C GLN B 184 0.73 28.89 0.89
N ALA B 185 0.62 27.67 1.41
CA ALA B 185 0.00 27.44 2.70
C ALA B 185 0.74 28.19 3.82
N ALA B 186 2.07 28.08 3.82
CA ALA B 186 2.87 28.80 4.81
C ALA B 186 2.67 30.31 4.72
N LYS B 187 2.60 30.83 3.49
CA LYS B 187 2.35 32.25 3.29
C LYS B 187 1.01 32.65 3.89
N ILE B 188 -0.04 31.92 3.53
CA ILE B 188 -1.38 32.21 4.06
C ILE B 188 -1.45 32.12 5.59
N LEU B 189 -0.81 31.11 6.16
CA LEU B 189 -0.77 30.92 7.61
C LEU B 189 0.28 31.79 8.29
N THR B 190 0.98 32.61 7.52
CA THR B 190 2.06 33.44 8.03
C THR B 190 3.08 32.63 8.84
N GLN B 191 3.52 31.51 8.26
CA GLN B 191 4.59 30.70 8.84
C GLN B 191 5.79 30.78 7.91
N GLN B 192 6.99 30.66 8.46
CA GLN B 192 8.19 30.62 7.65
C GLN B 192 8.19 29.34 6.80
N LYS B 193 7.74 28.24 7.39
CA LYS B 193 7.76 26.93 6.75
C LYS B 193 6.44 26.21 7.08
N ALA B 194 6.00 25.34 6.17
CA ALA B 194 4.71 24.67 6.35
C ALA B 194 4.84 23.32 7.05
N ASN B 195 3.87 23.03 7.91
CA ASN B 195 3.69 21.69 8.43
C ASN B 195 2.31 21.27 8.02
N VAL B 196 2.21 20.69 6.83
CA VAL B 196 0.91 20.43 6.24
C VAL B 196 0.87 19.08 5.55
N ILE B 197 -0.34 18.58 5.34
CA ILE B 197 -0.56 17.44 4.46
C ILE B 197 -1.26 18.00 3.23
N VAL B 198 -0.71 17.74 2.04
CA VAL B 198 -1.27 18.26 0.81
C VAL B 198 -1.82 17.11 -0.02
N ALA B 199 -3.11 17.18 -0.33
CA ALA B 199 -3.76 16.20 -1.19
C ALA B 199 -3.98 16.81 -2.58
N HIS B 200 -3.11 16.44 -3.53
CA HIS B 200 -3.29 16.89 -4.90
C HIS B 200 -4.18 15.90 -5.63
N LEU B 201 -5.43 16.28 -5.85
CA LEU B 201 -6.42 15.39 -6.46
C LEU B 201 -6.81 15.93 -7.83
N GLY B 202 -6.47 15.19 -8.88
CA GLY B 202 -6.81 15.56 -10.24
C GLY B 202 -6.90 14.27 -11.05
N ASN B 203 -6.54 14.32 -12.32
CA ASN B 203 -6.53 13.10 -13.13
C ASN B 203 -5.61 12.09 -12.48
N GLY B 204 -4.44 12.58 -12.06
CA GLY B 204 -3.56 11.85 -11.18
C GLY B 204 -3.74 12.41 -9.78
N CYS B 205 -3.53 11.56 -8.77
CA CYS B 205 -3.75 11.95 -7.39
C CYS B 205 -2.57 11.52 -6.54
N SER B 206 -2.11 12.42 -5.67
CA SER B 206 -1.09 12.03 -4.71
C SER B 206 -1.24 12.89 -3.49
N ILE B 207 -0.60 12.46 -2.41
CA ILE B 207 -0.69 13.17 -1.14
C ILE B 207 0.67 13.09 -0.47
N THR B 208 1.05 14.18 0.21
CA THR B 208 2.39 14.35 0.71
C THR B 208 2.37 14.97 2.10
N ALA B 209 3.22 14.45 2.98
CA ALA B 209 3.43 15.07 4.28
C ALA B 209 4.62 16.00 4.17
N VAL B 210 4.39 17.27 4.51
CA VAL B 210 5.43 18.29 4.44
C VAL B 210 5.70 18.74 5.88
N VAL B 211 6.92 18.50 6.36
CA VAL B 211 7.30 18.87 7.72
C VAL B 211 8.40 19.92 7.65
N ASP B 212 8.16 21.06 8.31
CA ASP B 212 9.09 22.18 8.22
C ASP B 212 9.44 22.51 6.77
N GLY B 213 8.44 22.44 5.90
CA GLY B 213 8.59 22.85 4.52
C GLY B 213 9.13 21.81 3.56
N LYS B 214 9.57 20.67 4.11
CA LYS B 214 10.18 19.61 3.31
C LYS B 214 9.33 18.34 3.26
N SER B 215 9.25 17.73 2.07
CA SER B 215 8.56 16.46 1.94
C SER B 215 9.23 15.40 2.81
N ILE B 216 8.44 14.74 3.65
CA ILE B 216 8.95 13.63 4.46
C ILE B 216 8.38 12.28 4.01
N ASP B 217 7.21 12.30 3.38
CA ASP B 217 6.60 11.05 2.85
C ASP B 217 5.61 11.45 1.76
N THR B 218 5.36 10.58 0.78
CA THR B 218 4.42 10.89 -0.29
C THR B 218 3.90 9.56 -0.84
N SER B 219 2.78 9.61 -1.55
CA SER B 219 2.04 8.40 -1.89
C SER B 219 2.45 7.72 -3.20
N MSE B 220 2.91 8.48 -4.19
CA MSE B 220 3.35 7.82 -5.42
C MSE B 220 4.70 7.15 -5.16
O MSE B 220 5.31 7.39 -4.15
CB MSE B 220 3.46 8.82 -6.58
CG MSE B 220 2.09 9.26 -7.09
SE MSE B 220 2.23 10.77 -8.33
CE MSE B 220 0.41 10.64 -9.08
N GLY B 221 5.14 6.29 -6.07
CA GLY B 221 6.22 5.38 -5.71
C GLY B 221 7.45 5.50 -6.56
N LEU B 222 7.89 4.37 -7.10
CA LEU B 222 8.95 4.37 -8.10
C LEU B 222 8.47 5.21 -9.27
N THR B 223 7.17 5.09 -9.57
CA THR B 223 6.53 5.84 -10.66
C THR B 223 5.22 6.41 -10.11
N PRO B 224 4.55 7.28 -10.91
CA PRO B 224 3.25 7.86 -10.56
C PRO B 224 2.07 6.87 -10.53
N LEU B 225 2.32 5.58 -10.72
CA LEU B 225 1.23 4.61 -10.65
C LEU B 225 0.74 4.36 -9.21
N ASP B 226 1.63 4.47 -8.23
CA ASP B 226 1.34 4.02 -6.86
C ASP B 226 0.52 5.01 -6.02
N GLY B 227 -0.10 4.50 -4.97
CA GLY B 227 -0.75 5.34 -3.96
C GLY B 227 -2.26 5.47 -4.07
N LEU B 228 -2.73 6.69 -4.27
CA LEU B 228 -4.17 6.97 -4.27
C LEU B 228 -4.86 6.41 -5.50
N VAL B 229 -6.18 6.25 -5.41
CA VAL B 229 -6.98 5.94 -6.57
C VAL B 229 -6.96 7.14 -7.53
N MSE B 230 -6.87 6.87 -8.83
CA MSE B 230 -6.82 7.96 -9.79
C MSE B 230 -7.81 7.73 -10.92
O MSE B 230 -8.63 6.82 -10.86
CB MSE B 230 -5.40 8.10 -10.33
CG MSE B 230 -4.34 8.02 -9.24
SE MSE B 230 -2.52 8.40 -9.87
CE MSE B 230 -1.58 7.54 -8.39
N GLY B 231 -7.74 8.56 -11.97
CA GLY B 231 -8.65 8.46 -13.08
C GLY B 231 -8.60 7.10 -13.77
N THR B 232 -7.39 6.66 -14.13
CA THR B 232 -7.22 5.37 -14.80
C THR B 232 -6.16 4.49 -14.14
N ARG B 233 -5.54 5.01 -13.08
CA ARG B 233 -4.49 4.28 -12.38
C ARG B 233 -5.01 3.67 -11.09
N SER B 234 -4.55 2.45 -10.81
CA SER B 234 -5.01 1.68 -9.65
C SER B 234 -4.57 2.25 -8.31
N GLY B 235 -3.37 2.85 -8.28
CA GLY B 235 -2.71 3.13 -7.01
C GLY B 235 -2.37 1.84 -6.29
N CYS B 236 -2.24 1.91 -4.96
CA CYS B 236 -1.83 0.73 -4.17
C CYS B 236 -2.53 -0.56 -4.55
N ILE B 237 -1.73 -1.63 -4.69
CA ILE B 237 -2.26 -2.96 -4.94
C ILE B 237 -1.23 -4.03 -4.56
N ASP B 238 -1.73 -5.21 -4.17
CA ASP B 238 -0.88 -6.34 -3.76
C ASP B 238 -0.05 -6.77 -4.98
N PRO B 239 1.29 -6.78 -4.84
CA PRO B 239 2.16 -7.23 -5.94
C PRO B 239 1.86 -8.66 -6.36
N SER B 240 1.20 -9.43 -5.49
CA SER B 240 0.82 -10.81 -5.83
C SER B 240 -0.06 -10.89 -7.08
N ILE B 241 -0.68 -9.79 -7.47
CA ILE B 241 -1.61 -9.84 -8.62
C ILE B 241 -0.90 -10.20 -9.91
N PHE B 242 0.39 -9.90 -10.01
CA PHE B 242 1.12 -10.20 -11.24
C PHE B 242 1.18 -11.70 -11.48
N ALA B 243 1.63 -12.46 -10.50
CA ALA B 243 1.72 -13.91 -10.63
C ALA B 243 0.32 -14.50 -10.82
N TYR B 244 -0.64 -13.96 -10.09
CA TYR B 244 -1.99 -14.49 -10.17
C TYR B 244 -2.57 -14.32 -11.57
N ILE B 245 -2.47 -13.12 -12.13
CA ILE B 245 -3.01 -12.85 -13.44
C ILE B 245 -2.23 -13.59 -14.53
N SER B 246 -0.90 -13.56 -14.45
CA SER B 246 -0.07 -14.29 -15.40
C SER B 246 -0.37 -15.79 -15.42
N ASP B 247 -0.42 -16.42 -14.25
CA ASP B 247 -0.68 -17.85 -14.16
C ASP B 247 -2.07 -18.22 -14.67
N ASN B 248 -3.06 -17.40 -14.33
CA ASN B 248 -4.45 -17.75 -14.62
C ASN B 248 -4.99 -17.21 -15.94
N LEU B 249 -4.55 -16.03 -16.35
CA LEU B 249 -5.05 -15.42 -17.58
C LEU B 249 -4.02 -15.34 -18.67
N GLY B 250 -2.76 -15.55 -18.31
CA GLY B 250 -1.68 -15.55 -19.28
C GLY B 250 -1.21 -14.18 -19.75
N TRP B 251 -1.57 -13.11 -19.04
CA TRP B 251 -1.12 -11.78 -19.45
C TRP B 251 0.37 -11.60 -19.18
N SER B 252 1.02 -10.78 -19.99
CA SER B 252 2.42 -10.45 -19.79
C SER B 252 2.55 -9.35 -18.73
N VAL B 253 3.76 -9.11 -18.23
CA VAL B 253 4.00 -8.01 -17.30
C VAL B 253 3.61 -6.66 -17.92
N THR B 254 3.91 -6.51 -19.21
CA THR B 254 3.59 -5.29 -19.94
C THR B 254 2.08 -5.07 -19.98
N GLU B 255 1.34 -6.13 -20.26
CA GLU B 255 -0.12 -6.07 -20.31
C GLU B 255 -0.73 -5.81 -18.93
N ILE B 256 -0.20 -6.44 -17.90
CA ILE B 256 -0.72 -6.19 -16.55
C ILE B 256 -0.45 -4.75 -16.14
N THR B 257 0.77 -4.28 -16.39
CA THR B 257 1.16 -2.92 -16.02
C THR B 257 0.34 -1.88 -16.80
N ASN B 258 0.11 -2.12 -18.09
CA ASN B 258 -0.74 -1.23 -18.87
C ASN B 258 -2.17 -1.14 -18.31
N MSE B 259 -2.71 -2.28 -17.89
CA MSE B 259 -4.03 -2.33 -17.28
C MSE B 259 -4.11 -1.51 -15.98
O MSE B 259 -5.11 -0.82 -15.74
CB MSE B 259 -4.43 -3.78 -17.03
CG MSE B 259 -5.71 -3.99 -16.25
SE MSE B 259 -5.53 -3.93 -14.30
CE MSE B 259 -4.35 -5.49 -13.98
N LEU B 260 -3.06 -1.57 -15.17
CA LEU B 260 -3.01 -0.82 -13.92
C LEU B 260 -2.92 0.69 -14.16
N ASN B 261 -2.26 1.06 -15.26
CA ASN B 261 -2.07 2.46 -15.62
C ASN B 261 -3.19 3.05 -16.46
N LYS B 262 -3.86 2.23 -17.27
CA LYS B 262 -4.80 2.78 -18.27
C LYS B 262 -6.24 2.34 -18.15
N GLN B 263 -6.49 1.26 -17.42
CA GLN B 263 -7.84 0.68 -17.38
C GLN B 263 -8.33 0.52 -15.95
N SER B 264 -7.59 1.08 -15.01
CA SER B 264 -7.93 0.89 -13.61
C SER B 264 -8.47 2.18 -13.00
N GLY B 265 -8.31 2.36 -11.68
CA GLY B 265 -8.81 3.59 -11.06
C GLY B 265 -10.31 3.74 -11.20
N LEU B 266 -10.80 4.98 -11.23
CA LEU B 266 -12.22 5.22 -11.40
C LEU B 266 -12.76 4.52 -12.64
N LEU B 267 -11.95 4.54 -13.70
CA LEU B 267 -12.36 3.96 -14.97
C LEU B 267 -12.66 2.47 -14.80
N GLY B 268 -11.73 1.76 -14.17
CA GLY B 268 -11.91 0.35 -13.93
C GLY B 268 -13.09 0.04 -13.03
N ILE B 269 -13.29 0.85 -12.00
CA ILE B 269 -14.35 0.57 -11.03
C ILE B 269 -15.73 0.80 -11.63
N CYS B 270 -15.93 1.97 -12.26
CA CYS B 270 -17.28 2.36 -12.66
C CYS B 270 -17.45 2.70 -14.13
N GLY B 271 -16.36 2.65 -14.89
CA GLY B 271 -16.46 2.88 -16.34
C GLY B 271 -16.30 4.33 -16.79
N HIS B 272 -15.87 5.19 -15.87
CA HIS B 272 -15.67 6.60 -16.21
C HIS B 272 -14.45 7.14 -15.46
N ASN B 273 -13.52 7.75 -16.19
CA ASN B 273 -12.29 8.26 -15.56
C ASN B 273 -12.43 9.68 -15.00
N ASP B 274 -13.42 10.40 -15.48
CA ASP B 274 -13.61 11.81 -15.11
C ASP B 274 -14.47 11.94 -13.85
N MSE B 275 -13.89 12.43 -12.77
CA MSE B 275 -14.57 12.44 -11.46
C MSE B 275 -15.86 13.26 -11.51
O MSE B 275 -16.81 12.97 -10.78
CB MSE B 275 -13.64 12.98 -10.38
CG MSE B 275 -14.32 13.08 -9.01
SE MSE B 275 -15.09 11.40 -8.37
CE MSE B 275 -13.58 10.81 -7.19
N ARG B 276 -15.90 14.28 -12.37
CA ARG B 276 -17.12 15.06 -12.56
C ARG B 276 -18.27 14.19 -13.05
N GLU B 277 -17.98 13.34 -14.04
CA GLU B 277 -18.99 12.44 -14.58
C GLU B 277 -19.38 11.40 -13.55
N VAL B 278 -18.40 10.90 -12.81
CA VAL B 278 -18.67 9.93 -11.75
C VAL B 278 -19.60 10.52 -10.70
N SER B 279 -19.31 11.75 -10.26
CA SER B 279 -20.15 12.44 -9.29
C SER B 279 -21.60 12.61 -9.80
N GLN B 280 -21.72 12.99 -11.06
CA GLN B 280 -23.04 13.17 -11.66
C GLN B 280 -23.81 11.85 -11.75
N LEU B 281 -23.13 10.77 -12.12
CA LEU B 281 -23.74 9.45 -12.17
C LEU B 281 -24.16 8.95 -10.79
N ALA B 282 -23.29 9.13 -9.79
CA ALA B 282 -23.58 8.73 -8.42
C ALA B 282 -24.79 9.46 -7.88
N ALA B 283 -24.87 10.75 -8.16
CA ALA B 283 -26.00 11.58 -7.75
C ALA B 283 -27.30 11.04 -8.34
N LYS B 284 -27.21 10.42 -9.51
CA LYS B 284 -28.39 9.86 -10.18
C LYS B 284 -28.70 8.44 -9.72
N GLY B 285 -27.86 7.91 -8.84
CA GLY B 285 -28.11 6.60 -8.25
C GLY B 285 -27.29 5.44 -8.79
N ASP B 286 -26.29 5.73 -9.61
CA ASP B 286 -25.48 4.65 -10.17
C ASP B 286 -24.64 4.01 -9.08
N SER B 287 -24.86 2.72 -8.85
CA SER B 287 -24.19 2.04 -7.74
C SER B 287 -22.68 1.99 -7.90
N LEU B 288 -22.19 1.69 -9.10
CA LEU B 288 -20.74 1.60 -9.27
C LEU B 288 -20.07 2.95 -9.11
N ALA B 289 -20.73 4.02 -9.55
CA ALA B 289 -20.19 5.36 -9.40
C ALA B 289 -20.09 5.72 -7.93
N LYS B 290 -21.14 5.41 -7.18
CA LYS B 290 -21.13 5.62 -5.75
C LYS B 290 -20.01 4.83 -5.09
N LEU B 291 -19.84 3.58 -5.51
CA LEU B 291 -18.76 2.76 -4.95
C LEU B 291 -17.40 3.36 -5.28
N ALA B 292 -17.22 3.78 -6.53
CA ALA B 292 -15.94 4.36 -6.93
C ALA B 292 -15.58 5.53 -6.01
N ILE B 293 -16.58 6.35 -5.69
CA ILE B 293 -16.36 7.52 -4.82
C ILE B 293 -15.95 7.08 -3.41
N GLU B 294 -16.57 6.00 -2.93
CA GLU B 294 -16.24 5.50 -1.61
C GLU B 294 -14.82 4.99 -1.57
N ILE B 295 -14.43 4.18 -2.57
CA ILE B 295 -13.08 3.62 -2.58
C ILE B 295 -12.04 4.74 -2.68
N PHE B 296 -12.29 5.67 -3.59
CA PHE B 296 -11.42 6.82 -3.79
C PHE B 296 -11.27 7.63 -2.50
N SER B 297 -12.39 8.01 -1.90
CA SER B 297 -12.37 8.90 -0.72
C SER B 297 -11.81 8.23 0.50
N HIS B 298 -12.11 6.95 0.65
CA HIS B 298 -11.62 6.21 1.80
C HIS B 298 -10.10 6.07 1.74
N ARG B 299 -9.56 5.86 0.55
CA ARG B 299 -8.12 5.74 0.46
C ARG B 299 -7.41 7.05 0.79
N VAL B 300 -7.98 8.16 0.35
CA VAL B 300 -7.38 9.46 0.70
C VAL B 300 -7.39 9.63 2.22
N ALA B 301 -8.53 9.32 2.85
CA ALA B 301 -8.65 9.41 4.30
C ALA B 301 -7.62 8.54 5.00
N LYS B 302 -7.41 7.32 4.50
CA LYS B 302 -6.42 6.45 5.10
C LYS B 302 -5.01 7.03 5.02
N PHE B 303 -4.66 7.66 3.92
CA PHE B 303 -3.34 8.26 3.80
C PHE B 303 -3.18 9.48 4.73
N VAL B 304 -4.22 10.31 4.80
CA VAL B 304 -4.17 11.47 5.66
C VAL B 304 -3.96 11.00 7.11
N ALA B 305 -4.73 9.99 7.50
CA ALA B 305 -4.60 9.42 8.83
C ALA B 305 -3.19 8.92 9.10
N SER B 306 -2.61 8.22 8.13
N SER B 306 -2.63 8.22 8.13
CA SER B 306 -1.28 7.65 8.33
CA SER B 306 -1.30 7.66 8.30
C SER B 306 -0.22 8.74 8.47
C SER B 306 -0.27 8.77 8.52
N TYR B 307 -0.40 9.84 7.75
CA TYR B 307 0.59 10.92 7.79
C TYR B 307 0.49 11.78 9.04
N MSE B 308 -0.55 11.59 9.85
CA MSE B 308 -0.65 12.29 11.13
C MSE B 308 0.54 11.96 12.04
O MSE B 308 0.88 12.72 12.95
CB MSE B 308 -1.97 11.98 11.84
CG MSE B 308 -3.20 12.43 11.06
SE MSE B 308 -3.27 14.34 10.78
CE MSE B 308 -3.77 14.95 12.56
N ILE B 309 1.17 10.83 11.76
N ILE B 309 1.19 10.81 11.82
CA ILE B 309 2.30 10.36 12.55
CA ILE B 309 2.31 10.44 12.68
C ILE B 309 3.45 11.37 12.57
C ILE B 309 3.41 11.49 12.65
N TYR B 310 3.53 12.21 11.54
CA TYR B 310 4.65 13.14 11.38
C TYR B 310 4.52 14.47 12.12
N PHE B 311 3.36 14.73 12.71
CA PHE B 311 3.06 16.06 13.21
C PHE B 311 2.80 16.16 14.72
N ASN B 312 3.63 16.93 15.42
CA ASN B 312 3.27 17.32 16.76
C ASN B 312 2.04 18.20 16.68
N LYS B 313 2.10 19.16 15.76
CA LYS B 313 0.98 20.04 15.48
C LYS B 313 0.82 20.18 13.98
N LEU B 314 -0.32 19.75 13.45
CA LEU B 314 -0.61 19.89 12.03
C LEU B 314 -1.12 21.30 11.74
N ASP B 315 -0.45 22.03 10.84
CA ASP B 315 -0.94 23.36 10.47
C ASP B 315 -2.23 23.27 9.67
N ALA B 316 -2.27 22.36 8.69
CA ALA B 316 -3.46 22.24 7.87
C ALA B 316 -3.43 21.00 7.01
N LEU B 317 -4.62 20.52 6.67
CA LEU B 317 -4.82 19.59 5.56
C LEU B 317 -5.23 20.44 4.38
N VAL B 318 -4.51 20.31 3.26
CA VAL B 318 -4.75 21.15 2.11
C VAL B 318 -5.21 20.35 0.91
N PHE B 319 -6.33 20.80 0.30
CA PHE B 319 -6.80 20.24 -0.96
C PHE B 319 -6.36 21.08 -2.14
N THR B 320 -5.91 20.41 -3.21
CA THR B 320 -5.52 21.09 -4.43
C THR B 320 -5.72 20.17 -5.66
N GLY B 321 -5.44 20.67 -6.86
CA GLY B 321 -5.66 19.89 -8.08
C GLY B 321 -7.07 20.12 -8.63
N GLY B 322 -7.34 19.65 -9.85
CA GLY B 322 -8.65 19.86 -10.45
C GLY B 322 -9.79 19.41 -9.56
N ILE B 323 -9.68 18.21 -9.00
CA ILE B 323 -10.71 17.70 -8.10
C ILE B 323 -10.67 18.41 -6.74
N GLY B 324 -9.49 18.52 -6.14
CA GLY B 324 -9.36 19.10 -4.82
C GLY B 324 -9.86 20.54 -4.75
N GLU B 325 -9.64 21.28 -5.83
CA GLU B 325 -10.04 22.70 -5.88
C GLU B 325 -11.54 22.90 -6.15
N ASN B 326 -12.16 21.95 -6.84
CA ASN B 326 -13.51 22.16 -7.36
C ASN B 326 -14.61 21.22 -6.87
N ALA B 327 -14.24 20.07 -6.34
CA ALA B 327 -15.25 19.07 -6.01
C ALA B 327 -15.67 19.11 -4.54
N ALA B 328 -16.66 19.94 -4.21
CA ALA B 328 -17.06 20.09 -2.80
C ALA B 328 -17.58 18.76 -2.23
N ASN B 329 -18.29 18.01 -3.06
CA ASN B 329 -18.84 16.72 -2.64
C ASN B 329 -17.76 15.70 -2.25
N ILE B 330 -16.65 15.73 -2.99
CA ILE B 330 -15.55 14.80 -2.70
C ILE B 330 -14.81 15.24 -1.44
N ARG B 331 -14.59 16.55 -1.29
CA ARG B 331 -13.94 17.04 -0.08
C ARG B 331 -14.80 16.68 1.14
N LYS B 332 -16.11 16.85 1.01
CA LYS B 332 -17.03 16.57 2.10
C LYS B 332 -16.96 15.09 2.48
N ASN B 333 -16.89 14.24 1.46
CA ASN B 333 -16.85 12.80 1.70
C ASN B 333 -15.59 12.40 2.43
N ILE B 334 -14.44 12.87 1.94
CA ILE B 334 -13.16 12.56 2.56
C ILE B 334 -13.15 13.06 4.00
N ILE B 335 -13.60 14.29 4.22
CA ILE B 335 -13.59 14.84 5.57
C ILE B 335 -14.53 14.08 6.53
N SER B 336 -15.68 13.64 6.04
N SER B 336 -15.67 13.65 6.03
CA SER B 336 -16.58 12.86 6.88
CA SER B 336 -16.58 12.85 6.84
C SER B 336 -15.91 11.56 7.33
C SER B 336 -15.86 11.60 7.35
N LYS B 337 -15.06 10.99 6.48
CA LYS B 337 -14.31 9.78 6.83
C LYS B 337 -13.17 10.05 7.82
N LEU B 338 -12.87 11.31 8.06
CA LEU B 338 -11.79 11.70 8.97
C LEU B 338 -12.33 12.28 10.28
N ALA B 339 -13.63 12.11 10.51
CA ALA B 339 -14.28 12.65 11.71
C ALA B 339 -13.58 12.21 13.00
N ASN B 340 -13.14 10.97 13.06
CA ASN B 340 -12.54 10.43 14.28
C ASN B 340 -11.17 11.04 14.60
N LEU B 341 -10.57 11.71 13.62
CA LEU B 341 -9.27 12.33 13.79
C LEU B 341 -9.37 13.84 14.02
N GLY B 342 -10.57 14.34 14.25
CA GLY B 342 -10.75 15.73 14.62
C GLY B 342 -10.82 16.68 13.43
N PHE B 343 -11.23 16.15 12.28
CA PHE B 343 -11.46 16.99 11.11
C PHE B 343 -12.98 17.17 11.00
N MSE B 344 -13.40 18.39 10.68
CA MSE B 344 -14.82 18.72 10.53
C MSE B 344 -15.01 19.83 9.51
O MSE B 344 -14.37 20.87 9.59
CB MSE B 344 -15.40 19.20 11.86
CG MSE B 344 -15.37 18.16 12.96
SE MSE B 344 -16.73 16.79 12.64
CE MSE B 344 -18.25 17.98 12.29
N ILE B 345 -15.95 19.62 8.59
CA ILE B 345 -16.20 20.57 7.51
C ILE B 345 -17.26 21.60 7.89
N ASP B 346 -17.09 22.84 7.42
CA ASP B 346 -18.16 23.83 7.45
C ASP B 346 -18.79 23.79 6.06
N HIS B 347 -20.04 23.34 5.98
CA HIS B 347 -20.66 23.06 4.68
C HIS B 347 -20.75 24.27 3.77
N GLN B 348 -21.06 25.43 4.34
CA GLN B 348 -21.19 26.65 3.54
C GLN B 348 -19.84 27.07 2.95
N LYS B 349 -18.79 27.05 3.76
CA LYS B 349 -17.46 27.36 3.26
C LYS B 349 -17.02 26.33 2.24
N ASN B 350 -17.34 25.07 2.47
CA ASN B 350 -16.98 24.03 1.51
C ASN B 350 -17.69 24.23 0.18
N SER B 351 -18.98 24.53 0.23
CA SER B 351 -19.76 24.72 -0.99
C SER B 351 -19.20 25.85 -1.85
N ASN B 352 -18.55 26.82 -1.23
CA ASN B 352 -17.96 27.93 -1.97
C ASN B 352 -16.46 27.75 -2.23
N SER B 353 -15.90 26.61 -1.83
CA SER B 353 -14.48 26.32 -1.99
C SER B 353 -13.61 27.45 -1.47
N GLU B 354 -13.87 27.90 -0.24
CA GLU B 354 -13.11 29.00 0.35
C GLU B 354 -11.70 28.53 0.72
N THR B 355 -10.83 29.48 1.07
CA THR B 355 -9.45 29.15 1.43
C THR B 355 -9.39 28.23 2.66
N PHE B 356 -10.26 28.49 3.65
CA PHE B 356 -10.47 27.58 4.78
C PHE B 356 -11.88 27.01 4.72
N ILE B 357 -12.03 25.70 4.89
CA ILE B 357 -13.36 25.09 4.79
C ILE B 357 -13.70 24.27 6.02
N ASN B 358 -12.85 24.34 7.04
CA ASN B 358 -13.09 23.62 8.29
C ASN B 358 -14.05 24.37 9.20
N SER B 359 -14.76 23.66 10.07
CA SER B 359 -15.54 24.33 11.10
C SER B 359 -14.62 24.76 12.24
N LYS B 360 -15.20 25.38 13.27
CA LYS B 360 -14.46 25.91 14.41
C LYS B 360 -13.70 24.84 15.22
N ASN B 361 -14.34 23.72 15.47
CA ASN B 361 -13.69 22.63 16.21
C ASN B 361 -13.06 21.60 15.26
N SER B 362 -11.98 21.99 14.60
CA SER B 362 -11.34 21.12 13.61
C SER B 362 -9.94 21.61 13.31
N HIS B 363 -9.08 20.70 12.85
CA HIS B 363 -7.81 21.12 12.27
C HIS B 363 -8.18 22.03 11.11
N ASN B 364 -7.27 22.93 10.73
CA ASN B 364 -7.47 23.70 9.50
C ASN B 364 -7.62 22.78 8.30
N ILE B 365 -8.58 23.08 7.44
CA ILE B 365 -8.75 22.36 6.18
C ILE B 365 -8.83 23.42 5.10
N MSE B 366 -7.92 23.36 4.15
CA MSE B 366 -7.76 24.46 3.21
C MSE B 366 -7.97 24.00 1.78
O MSE B 366 -7.80 22.83 1.45
CB MSE B 366 -6.38 25.09 3.36
CG MSE B 366 -6.13 25.72 4.74
SE MSE B 366 -4.26 26.30 4.92
CE MSE B 366 -4.37 28.02 3.95
N VAL B 367 -8.35 24.95 0.93
CA VAL B 367 -8.40 24.71 -0.50
C VAL B 367 -7.50 25.74 -1.13
N ILE B 368 -6.45 25.28 -1.80
CA ILE B 368 -5.50 26.20 -2.42
C ILE B 368 -5.29 25.79 -3.87
N ALA B 369 -5.45 26.73 -4.81
CA ALA B 369 -5.25 26.43 -6.22
C ALA B 369 -3.77 26.16 -6.50
N THR B 370 -3.45 25.06 -7.16
CA THR B 370 -2.05 24.86 -7.53
C THR B 370 -1.75 25.67 -8.80
N ASN B 371 -0.48 26.00 -8.97
CA ASN B 371 -0.04 26.73 -10.15
C ASN B 371 1.35 26.24 -10.52
N GLU B 372 1.40 25.03 -11.06
CA GLU B 372 2.64 24.39 -11.43
C GLU B 372 3.39 25.20 -12.50
N GLU B 373 2.65 25.79 -13.43
CA GLU B 373 3.24 26.57 -14.52
C GLU B 373 4.00 27.79 -13.99
N LEU B 374 3.39 28.51 -13.06
CA LEU B 374 4.08 29.63 -12.44
C LEU B 374 5.33 29.18 -11.68
N MSE B 375 5.23 28.09 -10.94
CA MSE B 375 6.37 27.57 -10.20
C MSE B 375 7.51 27.24 -11.16
O MSE B 375 8.67 27.57 -10.90
CB MSE B 375 5.98 26.32 -9.40
CG MSE B 375 7.11 25.72 -8.61
SE MSE B 375 7.72 26.98 -7.24
CE MSE B 375 6.92 26.13 -5.69
N ILE B 376 7.17 26.58 -12.26
CA ILE B 376 8.16 26.26 -13.29
C ILE B 376 8.79 27.52 -13.88
N ALA B 377 7.97 28.55 -14.11
CA ALA B 377 8.48 29.82 -14.65
C ALA B 377 9.49 30.45 -13.69
N GLN B 378 9.19 30.39 -12.40
CA GLN B 378 10.05 30.96 -11.38
C GLN B 378 11.35 30.17 -11.24
N GLU B 379 11.23 28.85 -11.24
CA GLU B 379 12.41 27.98 -11.17
C GLU B 379 13.32 28.29 -12.35
N THR B 380 12.71 28.52 -13.49
CA THR B 380 13.45 28.78 -14.72
C THR B 380 14.16 30.13 -14.66
N GLN B 381 13.41 31.16 -14.32
CA GLN B 381 13.96 32.52 -14.18
C GLN B 381 15.18 32.52 -13.25
N ASN B 382 15.13 31.69 -12.22
CA ASN B 382 16.20 31.62 -11.22
C ASN B 382 17.55 31.20 -11.80
N LEU B 383 17.53 30.45 -12.89
CA LEU B 383 18.73 29.86 -13.44
C LEU B 383 19.35 30.60 -14.63
N ILE B 384 18.62 31.54 -15.22
CA ILE B 384 19.14 32.25 -16.40
C ILE B 384 19.75 33.61 -16.06
#